data_8CGT
#
_entry.id   8CGT
#
_cell.length_a   94.400
_cell.length_b   104.900
_cell.length_c   113.700
_cell.angle_alpha   90.00
_cell.angle_beta   90.00
_cell.angle_gamma   90.00
#
_symmetry.space_group_name_H-M   'P 21 21 21'
#
loop_
_entity.id
_entity.type
_entity.pdbx_description
1 polymer 'PROTEIN (CYCLODEXTRIN-GLYCOSYLTRANSFERASE)'
2 branched alpha-D-glucopyranose-(1-4)-4-thio-alpha-D-glucopyranose-(1-4)-alpha-D-glucopyranose-(1-4)-4-thio-alpha-D-glucopyranose-(1-4)-alpha-D-glucopyranose-(1-4)-4-thio-alpha-D-glucopyranose
3 non-polymer 'CALCIUM ION'
4 water water
#
_entity_poly.entity_id   1
_entity_poly.type   'polypeptide(L)'
_entity_poly.pdbx_seq_one_letter_code
;DPDTAVTNKQSFSTDVIYQVFTDRFLDGNPSNNPTGAAYDATCSNLKLYCGGDWQGLINKINDNYFSDLGVTALWISQPV
ENIFATINYSGVTNTAYHGYWARDFKKTNPYFGTMADFQNLITTAHAKGIKIVIDFAPNHTSPAMETDTSFAENGRLYDN
GTLVGGYTNDTNGYFHHNGGSDFSSLENGIYKNLYDLADFNHNNATIDKYFKDAIKLWLDMGVDGIRVDAVKHMPLGWQK
SWMSSIYAHKPVFTFGAWFLGSAASDADNTDFANKSGMSLLDFRFNSAVRNVFRDNTSNMYALDSMINSTATDYNQVNDQ
VTFIDNHDMDRFKTSAVNNRRLEQALAFTLTSRGVPAIYYGTEQYLTGNGDPDNRAKMPSFSKSTTAFNVISKLAPLRKS
NPAIAYGSTQQRWINNDVYVYERKFGKSVAVVAVNRNLSTSASITGLSTSLPTGSYTDVLGGVLNGNNITSTNGSINNFT
LAAGATAVWQYTTAETTPTIGHVGPVMGKPGNVVTIDGRGFGSTKGTVYFGTTAVTGAAITSWEDTQIKVTIPSVAAGNY
AVKVAASGVNSNAYNNFTILTGDQVTVRFVVNNASTTLGQNLYLTGNVAELGNWSTGSTAIGPAFNQVIHQYPTWYYDVS
VPAGKQLEFKFFKKNGSTITWESGSNHTFTTPASGTATVTVNWQ
;
_entity_poly.pdbx_strand_id   A
#
# COMPACT_ATOMS: atom_id res chain seq x y z
N ASP A 1 -12.65 -1.41 -20.62
CA ASP A 1 -13.32 -2.36 -19.68
C ASP A 1 -13.94 -1.62 -18.50
N PRO A 2 -14.94 -2.22 -17.85
CA PRO A 2 -15.51 -1.49 -16.71
C PRO A 2 -14.42 -1.43 -15.62
N ASP A 3 -14.44 -0.36 -14.84
CA ASP A 3 -13.51 -0.12 -13.73
C ASP A 3 -13.27 -1.35 -12.83
N THR A 4 -14.25 -2.25 -12.84
CA THR A 4 -14.23 -3.46 -12.02
C THR A 4 -13.51 -4.67 -12.60
N ALA A 5 -13.20 -4.64 -13.89
CA ALA A 5 -12.53 -5.76 -14.54
C ALA A 5 -11.14 -6.05 -13.96
N VAL A 6 -10.68 -7.28 -14.16
CA VAL A 6 -9.38 -7.72 -13.69
C VAL A 6 -8.23 -6.96 -14.38
N THR A 7 -8.55 -6.35 -15.51
CA THR A 7 -7.56 -5.61 -16.28
C THR A 7 -7.19 -4.24 -15.71
N ASN A 8 -7.88 -3.84 -14.63
CA ASN A 8 -7.60 -2.55 -14.01
C ASN A 8 -6.47 -2.65 -12.99
N LYS A 9 -5.25 -2.50 -13.47
CA LYS A 9 -4.05 -2.58 -12.63
C LYS A 9 -3.80 -1.31 -11.81
N GLN A 10 -4.48 -0.22 -12.15
CA GLN A 10 -4.28 1.05 -11.46
C GLN A 10 -5.16 1.33 -10.24
N SER A 11 -6.18 0.52 -10.02
CA SER A 11 -7.06 0.71 -8.88
C SER A 11 -7.52 -0.59 -8.25
N PHE A 12 -7.40 -0.69 -6.93
CA PHE A 12 -7.83 -1.87 -6.19
C PHE A 12 -9.00 -1.58 -5.26
N SER A 13 -9.59 -0.39 -5.39
CA SER A 13 -10.70 0.01 -4.55
C SER A 13 -11.89 -0.94 -4.60
N THR A 14 -12.14 -1.54 -5.77
CA THR A 14 -13.26 -2.47 -5.93
C THR A 14 -12.86 -3.91 -5.61
N ASP A 15 -11.61 -4.10 -5.17
CA ASP A 15 -11.12 -5.44 -4.85
C ASP A 15 -11.04 -5.78 -3.37
N VAL A 16 -10.75 -7.04 -3.11
CA VAL A 16 -10.54 -7.55 -1.76
C VAL A 16 -9.32 -8.44 -1.91
N ILE A 17 -8.21 -7.99 -1.32
CA ILE A 17 -6.96 -8.72 -1.39
C ILE A 17 -6.86 -9.83 -0.36
N TYR A 18 -6.20 -10.92 -0.75
CA TYR A 18 -6.00 -12.08 0.12
C TYR A 18 -4.51 -12.25 0.27
N GLN A 19 -3.97 -11.85 1.43
CA GLN A 19 -2.54 -11.95 1.69
C GLN A 19 -2.17 -13.36 2.10
N VAL A 20 -1.27 -13.97 1.35
CA VAL A 20 -0.86 -15.33 1.66
C VAL A 20 0.63 -15.61 1.62
N PHE A 21 1.12 -16.32 2.64
CA PHE A 21 2.52 -16.73 2.71
C PHE A 21 2.54 -17.98 1.84
N THR A 22 3.11 -17.87 0.65
CA THR A 22 3.18 -18.96 -0.33
C THR A 22 3.56 -20.31 0.26
N ASP A 23 4.56 -20.32 1.13
CA ASP A 23 5.05 -21.55 1.74
C ASP A 23 4.06 -22.24 2.69
N ARG A 24 3.18 -21.45 3.28
CA ARG A 24 2.23 -21.94 4.26
C ARG A 24 0.83 -22.25 3.76
N PHE A 25 0.64 -22.13 2.45
CA PHE A 25 -0.69 -22.37 1.88
C PHE A 25 -0.91 -23.80 1.37
N LEU A 26 -0.34 -24.13 0.21
CA LEU A 26 -0.53 -25.45 -0.37
C LEU A 26 0.68 -25.93 -1.18
N ASP A 27 1.15 -27.12 -0.87
CA ASP A 27 2.28 -27.70 -1.59
C ASP A 27 1.70 -28.45 -2.79
N GLY A 28 1.52 -27.73 -3.89
CA GLY A 28 0.95 -28.35 -5.08
C GLY A 28 1.94 -29.20 -5.86
N ASN A 29 3.22 -28.95 -5.64
CA ASN A 29 4.27 -29.69 -6.32
C ASN A 29 5.36 -30.03 -5.32
N PRO A 30 5.37 -31.26 -4.81
CA PRO A 30 6.35 -31.76 -3.84
C PRO A 30 7.74 -31.95 -4.43
N SER A 31 7.83 -31.89 -5.75
CA SER A 31 9.10 -32.07 -6.46
C SER A 31 10.06 -30.90 -6.29
N ASN A 32 9.53 -29.72 -5.97
CA ASN A 32 10.37 -28.55 -5.79
C ASN A 32 10.70 -28.25 -4.34
N ASN A 33 10.27 -29.15 -3.44
CA ASN A 33 10.53 -28.97 -2.00
C ASN A 33 12.00 -29.06 -1.66
N PRO A 34 12.45 -28.27 -0.67
CA PRO A 34 13.85 -28.28 -0.25
C PRO A 34 14.18 -29.64 0.33
N THR A 35 15.48 -29.93 0.49
CA THR A 35 15.91 -31.20 1.04
C THR A 35 16.64 -31.02 2.36
N GLY A 36 16.54 -32.02 3.23
CA GLY A 36 17.22 -31.97 4.50
C GLY A 36 16.66 -31.11 5.61
N ALA A 37 17.57 -30.46 6.33
CA ALA A 37 17.26 -29.60 7.47
C ALA A 37 16.37 -28.40 7.18
N ALA A 38 16.38 -27.94 5.92
CA ALA A 38 15.59 -26.78 5.53
C ALA A 38 14.11 -27.10 5.33
N TYR A 39 13.77 -28.37 5.33
CA TYR A 39 12.39 -28.80 5.10
C TYR A 39 11.74 -29.51 6.29
N ASP A 40 10.43 -29.35 6.43
CA ASP A 40 9.66 -30.00 7.49
C ASP A 40 8.30 -30.37 6.94
N ALA A 41 8.15 -31.64 6.57
CA ALA A 41 6.91 -32.16 5.98
C ALA A 41 5.67 -31.95 6.85
N THR A 42 5.84 -32.00 8.17
CA THR A 42 4.73 -31.82 9.11
C THR A 42 4.41 -30.37 9.41
N CYS A 43 5.31 -29.48 9.01
CA CYS A 43 5.17 -28.04 9.22
C CYS A 43 4.89 -27.69 10.68
N SER A 44 5.69 -28.24 11.57
CA SER A 44 5.56 -27.99 13.00
C SER A 44 6.61 -26.98 13.45
N ASN A 45 7.77 -27.00 12.78
CA ASN A 45 8.84 -26.04 13.08
C ASN A 45 8.63 -24.94 12.05
N LEU A 46 7.87 -23.92 12.43
CA LEU A 46 7.51 -22.79 11.58
C LEU A 46 8.61 -21.89 11.01
N LYS A 47 9.87 -22.19 11.33
CA LYS A 47 11.00 -21.40 10.82
C LYS A 47 11.58 -22.06 9.57
N LEU A 48 11.13 -23.29 9.30
CA LEU A 48 11.60 -24.05 8.15
C LEU A 48 10.58 -24.03 7.02
N TYR A 49 10.99 -24.54 5.86
CA TYR A 49 10.11 -24.60 4.69
C TYR A 49 9.07 -25.69 4.88
N CYS A 50 7.82 -25.39 4.53
CA CYS A 50 6.75 -26.36 4.66
C CYS A 50 6.36 -26.93 3.31
N GLY A 51 6.87 -26.33 2.24
CA GLY A 51 6.60 -26.81 0.90
C GLY A 51 5.61 -26.07 0.01
N GLY A 52 4.86 -25.12 0.58
CA GLY A 52 3.88 -24.37 -0.21
C GLY A 52 4.49 -23.72 -1.44
N ASP A 53 3.78 -23.75 -2.56
CA ASP A 53 4.30 -23.19 -3.81
C ASP A 53 3.23 -22.58 -4.70
N TRP A 54 3.65 -22.11 -5.88
CA TRP A 54 2.73 -21.50 -6.85
C TRP A 54 1.74 -22.48 -7.45
N GLN A 55 2.14 -23.75 -7.54
CA GLN A 55 1.26 -24.77 -8.10
C GLN A 55 0.06 -24.94 -7.14
N GLY A 56 0.33 -24.86 -5.85
CA GLY A 56 -0.71 -24.98 -4.85
C GLY A 56 -1.73 -23.86 -4.96
N LEU A 57 -1.26 -22.66 -5.28
CA LEU A 57 -2.14 -21.51 -5.45
C LEU A 57 -2.95 -21.73 -6.72
N ILE A 58 -2.30 -22.26 -7.75
CA ILE A 58 -2.98 -22.53 -9.01
C ILE A 58 -4.13 -23.50 -8.80
N ASN A 59 -3.88 -24.54 -8.01
CA ASN A 59 -4.90 -25.54 -7.72
C ASN A 59 -6.14 -24.97 -7.07
N LYS A 60 -5.94 -24.17 -6.03
CA LYS A 60 -7.06 -23.57 -5.32
C LYS A 60 -7.81 -22.51 -6.11
N ILE A 61 -7.18 -22.00 -7.16
CA ILE A 61 -7.84 -21.03 -8.03
C ILE A 61 -8.75 -21.85 -8.95
N ASN A 62 -8.22 -22.95 -9.46
CA ASN A 62 -8.96 -23.83 -10.35
C ASN A 62 -10.15 -24.54 -9.71
N ASP A 63 -10.04 -24.92 -8.43
CA ASP A 63 -11.17 -25.57 -7.78
C ASP A 63 -12.12 -24.58 -7.10
N ASN A 64 -12.02 -23.32 -7.50
CA ASN A 64 -12.84 -22.22 -7.01
C ASN A 64 -12.86 -21.89 -5.52
N TYR A 65 -11.76 -22.14 -4.81
CA TYR A 65 -11.74 -21.82 -3.39
C TYR A 65 -11.83 -20.30 -3.22
N PHE A 66 -10.99 -19.57 -3.97
CA PHE A 66 -10.95 -18.12 -3.92
C PHE A 66 -12.16 -17.45 -4.56
N SER A 67 -12.71 -18.08 -5.59
CA SER A 67 -13.87 -17.55 -6.28
C SER A 67 -15.10 -17.60 -5.39
N ASP A 68 -15.25 -18.68 -4.63
CA ASP A 68 -16.38 -18.83 -3.73
C ASP A 68 -16.21 -17.94 -2.51
N LEU A 69 -14.97 -17.74 -2.08
CA LEU A 69 -14.67 -16.90 -0.93
C LEU A 69 -14.96 -15.44 -1.27
N GLY A 70 -14.80 -15.09 -2.55
CA GLY A 70 -15.08 -13.73 -2.99
C GLY A 70 -13.90 -12.80 -3.19
N VAL A 71 -12.69 -13.26 -2.85
CA VAL A 71 -11.50 -12.43 -3.00
C VAL A 71 -11.20 -12.25 -4.49
N THR A 72 -10.77 -11.05 -4.85
CA THR A 72 -10.49 -10.73 -6.24
C THR A 72 -9.03 -10.40 -6.53
N ALA A 73 -8.16 -10.65 -5.55
CA ALA A 73 -6.73 -10.39 -5.70
C ALA A 73 -5.93 -11.19 -4.71
N LEU A 74 -4.77 -11.64 -5.16
CA LEU A 74 -3.85 -12.42 -4.32
C LEU A 74 -2.55 -11.66 -4.12
N TRP A 75 -2.17 -11.50 -2.86
CA TRP A 75 -0.92 -10.83 -2.51
C TRP A 75 -0.02 -11.97 -2.03
N ILE A 76 1.05 -12.23 -2.77
CA ILE A 76 1.97 -13.33 -2.45
C ILE A 76 3.35 -12.91 -1.96
N SER A 77 4.08 -13.86 -1.37
CA SER A 77 5.43 -13.60 -0.87
C SER A 77 6.30 -13.15 -2.03
N GLN A 78 7.43 -12.51 -1.72
CA GLN A 78 8.35 -12.05 -2.75
C GLN A 78 8.72 -13.27 -3.60
N PRO A 79 8.50 -13.18 -4.92
CA PRO A 79 8.79 -14.25 -5.88
C PRO A 79 10.25 -14.48 -6.24
N VAL A 80 11.11 -13.53 -5.91
CA VAL A 80 12.54 -13.63 -6.26
C VAL A 80 13.34 -14.68 -5.52
N GLU A 81 14.49 -15.04 -6.10
CA GLU A 81 15.37 -16.03 -5.53
C GLU A 81 15.97 -15.54 -4.21
N ASN A 82 15.77 -16.33 -3.16
CA ASN A 82 16.29 -16.02 -1.83
C ASN A 82 17.51 -16.87 -1.56
N ILE A 83 18.25 -16.55 -0.51
CA ILE A 83 19.44 -17.33 -0.16
C ILE A 83 19.06 -18.78 0.12
N PHE A 84 19.98 -19.69 -0.19
CA PHE A 84 19.77 -21.12 0.02
C PHE A 84 20.29 -21.56 1.38
N ALA A 85 21.25 -20.83 1.92
CA ALA A 85 21.84 -21.17 3.21
C ALA A 85 20.85 -21.18 4.35
N THR A 86 21.19 -21.95 5.37
CA THR A 86 20.39 -22.08 6.56
C THR A 86 21.09 -21.22 7.61
N ILE A 87 20.34 -20.55 8.46
CA ILE A 87 20.94 -19.71 9.48
C ILE A 87 20.51 -20.15 10.86
N ASN A 88 21.48 -20.23 11.77
CA ASN A 88 21.20 -20.64 13.14
C ASN A 88 21.23 -19.41 14.05
N TYR A 89 20.06 -19.03 14.57
CA TYR A 89 19.98 -17.90 15.48
C TYR A 89 19.82 -18.42 16.89
N SER A 90 20.93 -18.37 17.64
CA SER A 90 20.98 -18.85 19.02
C SER A 90 20.22 -20.16 19.24
N GLY A 91 20.65 -21.19 18.52
CA GLY A 91 20.03 -22.49 18.66
C GLY A 91 19.00 -22.87 17.62
N VAL A 92 18.08 -21.97 17.31
CA VAL A 92 17.03 -22.27 16.33
C VAL A 92 17.45 -22.07 14.86
N THR A 93 17.06 -23.02 14.01
CA THR A 93 17.37 -22.99 12.58
C THR A 93 16.31 -22.20 11.81
N ASN A 94 16.78 -21.18 11.08
CA ASN A 94 15.91 -20.31 10.28
C ASN A 94 16.18 -20.50 8.79
N THR A 95 15.12 -20.38 7.99
CA THR A 95 15.21 -20.47 6.53
C THR A 95 14.54 -19.24 5.93
N ALA A 96 14.71 -19.04 4.64
CA ALA A 96 14.12 -17.89 3.95
C ALA A 96 12.73 -18.21 3.41
N TYR A 97 11.95 -19.01 4.14
CA TYR A 97 10.60 -19.37 3.70
C TYR A 97 9.70 -18.16 3.44
N HIS A 98 9.94 -17.06 4.14
CA HIS A 98 9.15 -15.85 4.03
C HIS A 98 9.40 -15.03 2.76
N GLY A 99 10.52 -15.31 2.09
CA GLY A 99 10.86 -14.62 0.87
C GLY A 99 11.54 -13.26 0.99
N TYR A 100 11.81 -12.83 2.23
CA TYR A 100 12.43 -11.53 2.48
C TYR A 100 13.96 -11.48 2.41
N TRP A 101 14.60 -12.63 2.24
CA TRP A 101 16.06 -12.68 2.17
C TRP A 101 16.53 -12.93 0.73
N ALA A 102 16.26 -11.96 -0.14
CA ALA A 102 16.60 -12.05 -1.54
C ALA A 102 18.10 -12.08 -1.85
N ARG A 103 18.45 -12.68 -2.97
CA ARG A 103 19.84 -12.74 -3.41
C ARG A 103 19.91 -12.46 -4.91
N ASP A 104 18.80 -12.68 -5.61
CA ASP A 104 18.74 -12.40 -7.04
C ASP A 104 17.30 -12.01 -7.38
N PHE A 105 17.09 -10.72 -7.59
CA PHE A 105 15.75 -10.22 -7.90
C PHE A 105 15.33 -10.46 -9.35
N LYS A 106 16.16 -11.16 -10.12
CA LYS A 106 15.84 -11.43 -11.52
C LYS A 106 15.56 -12.89 -11.84
N LYS A 107 15.50 -13.71 -10.81
CA LYS A 107 15.20 -15.12 -10.95
C LYS A 107 14.11 -15.44 -9.95
N THR A 108 13.36 -16.52 -10.18
CA THR A 108 12.31 -16.90 -9.25
C THR A 108 12.89 -17.75 -8.12
N ASN A 109 12.11 -17.92 -7.06
CA ASN A 109 12.51 -18.75 -5.93
C ASN A 109 12.16 -20.16 -6.40
N PRO A 110 13.18 -21.00 -6.62
CA PRO A 110 12.93 -22.38 -7.08
C PRO A 110 11.93 -23.16 -6.24
N TYR A 111 11.88 -22.87 -4.95
CA TYR A 111 10.96 -23.58 -4.05
C TYR A 111 9.49 -23.23 -4.26
N PHE A 112 9.24 -22.05 -4.83
CA PHE A 112 7.88 -21.61 -5.13
C PHE A 112 7.55 -22.04 -6.55
N GLY A 113 8.56 -22.02 -7.41
CA GLY A 113 8.35 -22.44 -8.79
C GLY A 113 9.33 -21.86 -9.78
N THR A 114 9.11 -22.19 -11.04
CA THR A 114 9.96 -21.72 -12.12
C THR A 114 9.36 -20.46 -12.73
N MET A 115 10.10 -19.86 -13.66
CA MET A 115 9.66 -18.67 -14.34
C MET A 115 8.36 -19.02 -15.07
N ALA A 116 8.28 -20.26 -15.54
CA ALA A 116 7.11 -20.77 -16.26
C ALA A 116 5.91 -20.96 -15.33
N ASP A 117 6.16 -21.44 -14.12
CA ASP A 117 5.10 -21.65 -13.14
C ASP A 117 4.48 -20.30 -12.82
N PHE A 118 5.32 -19.29 -12.67
CA PHE A 118 4.86 -17.95 -12.36
C PHE A 118 3.97 -17.44 -13.47
N GLN A 119 4.39 -17.63 -14.72
CA GLN A 119 3.60 -17.17 -15.86
C GLN A 119 2.25 -17.89 -15.85
N ASN A 120 2.29 -19.18 -15.49
CA ASN A 120 1.11 -20.01 -15.43
C ASN A 120 0.17 -19.52 -14.32
N LEU A 121 0.74 -19.00 -13.23
CA LEU A 121 -0.04 -18.48 -12.10
C LEU A 121 -0.78 -17.22 -12.55
N ILE A 122 -0.06 -16.32 -13.21
CA ILE A 122 -0.63 -15.06 -13.71
C ILE A 122 -1.81 -15.34 -14.63
N THR A 123 -1.58 -16.21 -15.61
CA THR A 123 -2.59 -16.61 -16.58
C THR A 123 -3.81 -17.21 -15.90
N THR A 124 -3.60 -18.21 -15.06
CA THR A 124 -4.68 -18.86 -14.35
C THR A 124 -5.48 -17.89 -13.49
N ALA A 125 -4.78 -16.96 -12.84
CA ALA A 125 -5.43 -15.97 -11.99
C ALA A 125 -6.29 -15.02 -12.81
N HIS A 126 -5.69 -14.40 -13.83
CA HIS A 126 -6.41 -13.47 -14.68
C HIS A 126 -7.63 -14.11 -15.35
N ALA A 127 -7.50 -15.38 -15.71
CA ALA A 127 -8.58 -16.12 -16.35
C ALA A 127 -9.82 -16.16 -15.46
N LYS A 128 -9.62 -16.22 -14.15
CA LYS A 128 -10.73 -16.26 -13.21
C LYS A 128 -11.02 -14.91 -12.56
N GLY A 129 -10.45 -13.85 -13.12
CA GLY A 129 -10.67 -12.51 -12.62
C GLY A 129 -9.95 -12.14 -11.34
N ILE A 130 -8.83 -12.80 -11.07
CA ILE A 130 -8.07 -12.52 -9.86
C ILE A 130 -6.77 -11.80 -10.19
N LYS A 131 -6.51 -10.69 -9.52
CA LYS A 131 -5.29 -9.92 -9.74
C LYS A 131 -4.16 -10.48 -8.89
N ILE A 132 -2.93 -10.30 -9.33
CA ILE A 132 -1.77 -10.79 -8.61
C ILE A 132 -0.89 -9.63 -8.13
N VAL A 133 -0.71 -9.55 -6.82
CA VAL A 133 0.10 -8.53 -6.19
C VAL A 133 1.32 -9.22 -5.60
N ILE A 134 2.50 -8.63 -5.81
CA ILE A 134 3.72 -9.25 -5.26
C ILE A 134 4.41 -8.40 -4.21
N ASP A 135 5.12 -9.09 -3.33
CA ASP A 135 5.89 -8.46 -2.28
C ASP A 135 7.22 -8.11 -2.95
N PHE A 136 7.77 -6.95 -2.66
CA PHE A 136 9.06 -6.56 -3.24
C PHE A 136 9.83 -5.83 -2.16
N ALA A 137 11.02 -6.31 -1.84
CA ALA A 137 11.84 -5.73 -0.79
C ALA A 137 13.19 -5.20 -1.28
N PRO A 138 13.22 -3.95 -1.76
CA PRO A 138 14.45 -3.31 -2.27
C PRO A 138 15.35 -2.64 -1.24
N ASN A 139 15.07 -2.83 0.05
CA ASN A 139 15.88 -2.22 1.11
C ASN A 139 17.15 -2.98 1.43
N HIS A 140 17.10 -4.30 1.29
CA HIS A 140 18.22 -5.14 1.65
C HIS A 140 18.24 -6.46 0.90
N THR A 141 19.27 -7.26 1.18
CA THR A 141 19.39 -8.57 0.59
C THR A 141 19.07 -9.60 1.68
N SER A 142 20.09 -10.02 2.42
CA SER A 142 19.94 -11.03 3.46
C SER A 142 20.87 -10.78 4.65
N PRO A 143 20.72 -11.58 5.74
CA PRO A 143 21.58 -11.39 6.92
C PRO A 143 23.06 -11.51 6.58
N ALA A 144 23.85 -10.62 7.16
CA ALA A 144 25.28 -10.62 6.89
C ALA A 144 26.11 -10.01 8.01
N MET A 145 27.35 -10.49 8.10
CA MET A 145 28.32 -10.02 9.07
C MET A 145 29.52 -9.61 8.24
N GLU A 146 30.03 -8.41 8.47
CA GLU A 146 31.16 -7.91 7.72
C GLU A 146 32.46 -8.63 8.04
N THR A 147 32.65 -8.96 9.32
CA THR A 147 33.84 -9.65 9.77
C THR A 147 33.85 -11.14 9.43
N ASP A 148 32.68 -11.75 9.31
CA ASP A 148 32.60 -13.17 9.00
C ASP A 148 31.82 -13.49 7.72
N THR A 149 32.53 -13.79 6.64
CA THR A 149 31.89 -14.12 5.37
C THR A 149 31.22 -15.48 5.33
N SER A 150 31.49 -16.33 6.33
CA SER A 150 30.88 -17.65 6.36
C SER A 150 29.47 -17.65 6.93
N PHE A 151 29.04 -16.51 7.47
CA PHE A 151 27.69 -16.37 8.02
C PHE A 151 26.72 -16.20 6.85
N ALA A 152 25.69 -17.04 6.81
CA ALA A 152 24.67 -17.01 5.76
C ALA A 152 25.37 -16.96 4.40
N GLU A 153 24.96 -16.02 3.54
CA GLU A 153 25.60 -15.89 2.24
C GLU A 153 26.20 -14.50 2.09
N ASN A 154 26.62 -13.94 3.23
CA ASN A 154 27.25 -12.63 3.30
C ASN A 154 26.46 -11.53 2.55
N GLY A 155 25.15 -11.69 2.51
CA GLY A 155 24.30 -10.71 1.85
C GLY A 155 24.60 -10.46 0.37
N ARG A 156 25.16 -11.46 -0.30
CA ARG A 156 25.51 -11.33 -1.71
C ARG A 156 24.35 -11.11 -2.65
N LEU A 157 24.58 -10.26 -3.65
CA LEU A 157 23.59 -9.94 -4.67
C LEU A 157 24.03 -10.47 -6.03
N TYR A 158 23.08 -11.03 -6.77
CA TYR A 158 23.32 -11.58 -8.09
C TYR A 158 22.44 -10.91 -9.12
N ASP A 159 22.97 -10.77 -10.33
CA ASP A 159 22.23 -10.17 -11.42
C ASP A 159 22.00 -11.30 -12.41
N ASN A 160 20.87 -11.98 -12.25
CA ASN A 160 20.49 -13.12 -13.07
C ASN A 160 21.64 -14.12 -13.17
N GLY A 161 22.14 -14.53 -12.01
CA GLY A 161 23.22 -15.49 -11.96
C GLY A 161 24.58 -14.87 -11.73
N THR A 162 24.82 -13.70 -12.33
CA THR A 162 26.12 -13.03 -12.20
C THR A 162 26.28 -12.32 -10.86
N LEU A 163 27.39 -12.60 -10.18
CA LEU A 163 27.66 -11.97 -8.90
C LEU A 163 27.93 -10.48 -9.05
N VAL A 164 27.21 -9.68 -8.28
CA VAL A 164 27.40 -8.23 -8.30
C VAL A 164 28.34 -7.88 -7.15
N GLY A 165 28.08 -8.47 -5.98
CA GLY A 165 28.92 -8.21 -4.82
C GLY A 165 28.30 -8.64 -3.50
N GLY A 166 29.15 -8.77 -2.48
CA GLY A 166 28.69 -9.17 -1.16
C GLY A 166 28.96 -8.07 -0.14
N TYR A 167 28.58 -8.31 1.11
CA TYR A 167 28.76 -7.32 2.16
C TYR A 167 30.21 -7.09 2.55
N THR A 168 31.00 -8.16 2.61
CA THR A 168 32.42 -8.03 2.93
C THR A 168 33.15 -7.63 1.66
N ASN A 169 34.16 -6.77 1.79
CA ASN A 169 34.93 -6.28 0.65
C ASN A 169 34.03 -5.64 -0.39
N ASP A 170 33.20 -4.72 0.08
CA ASP A 170 32.28 -3.99 -0.78
C ASP A 170 32.98 -2.68 -1.15
N THR A 171 33.98 -2.81 -2.02
CA THR A 171 34.76 -1.68 -2.48
C THR A 171 33.94 -0.66 -3.27
N ASN A 172 32.94 -1.16 -3.99
CA ASN A 172 32.07 -0.32 -4.80
C ASN A 172 31.03 0.44 -3.99
N GLY A 173 30.83 0.02 -2.74
CA GLY A 173 29.86 0.68 -1.89
C GLY A 173 28.42 0.42 -2.29
N TYR A 174 28.09 -0.83 -2.58
CA TYR A 174 26.72 -1.21 -2.96
C TYR A 174 25.80 -1.21 -1.74
N PHE A 175 26.39 -1.41 -0.56
CA PHE A 175 25.66 -1.44 0.69
C PHE A 175 26.16 -0.38 1.65
N HIS A 176 25.39 -0.14 2.70
CA HIS A 176 25.76 0.82 3.73
C HIS A 176 26.58 0.06 4.78
N HIS A 177 27.64 0.69 5.25
CA HIS A 177 28.50 0.07 6.27
C HIS A 177 28.53 1.01 7.48
N ASN A 178 27.34 1.39 7.93
CA ASN A 178 27.19 2.30 9.05
C ASN A 178 26.65 1.62 10.30
N GLY A 179 26.77 0.31 10.35
CA GLY A 179 26.31 -0.43 11.52
C GLY A 179 24.82 -0.68 11.48
N GLY A 180 24.28 -1.09 12.62
CA GLY A 180 22.86 -1.40 12.73
C GLY A 180 22.07 -0.27 13.36
N SER A 181 20.87 -0.07 12.85
CA SER A 181 20.00 0.98 13.36
C SER A 181 19.54 0.71 14.79
N ASP A 182 19.33 1.77 15.56
CA ASP A 182 18.84 1.63 16.92
C ASP A 182 17.43 2.20 16.97
N PHE A 183 16.93 2.58 15.79
CA PHE A 183 15.58 3.14 15.62
C PHE A 183 15.32 4.42 16.41
N SER A 184 16.36 5.15 16.77
CA SER A 184 16.18 6.38 17.54
C SER A 184 15.64 7.56 16.75
N SER A 185 15.78 7.51 15.42
CA SER A 185 15.28 8.58 14.55
C SER A 185 15.06 8.03 13.14
N LEU A 186 14.32 8.78 12.33
CA LEU A 186 14.02 8.37 10.95
C LEU A 186 15.30 8.15 10.16
N GLU A 187 16.22 9.11 10.25
CA GLU A 187 17.49 9.03 9.55
C GLU A 187 18.30 7.79 9.94
N ASN A 188 18.29 7.47 11.23
CA ASN A 188 19.02 6.32 11.76
C ASN A 188 18.48 5.03 11.14
N GLY A 189 17.16 4.96 10.99
CA GLY A 189 16.53 3.78 10.43
C GLY A 189 16.64 3.62 8.92
N ILE A 190 17.05 4.68 8.23
CA ILE A 190 17.16 4.65 6.78
C ILE A 190 18.55 4.28 6.28
N TYR A 191 19.60 4.82 6.93
CA TYR A 191 20.96 4.58 6.47
C TYR A 191 21.79 3.57 7.24
N LYS A 192 21.16 2.87 8.17
CA LYS A 192 21.84 1.84 8.94
C LYS A 192 21.10 0.53 8.71
N ASN A 193 21.71 -0.59 9.07
CA ASN A 193 21.09 -1.89 8.86
C ASN A 193 19.86 -2.21 9.71
N LEU A 194 18.89 -2.85 9.06
CA LEU A 194 17.69 -3.32 9.73
C LEU A 194 18.16 -4.65 10.31
N TYR A 195 18.51 -4.64 11.60
CA TYR A 195 19.02 -5.83 12.28
C TYR A 195 20.34 -6.23 11.63
N ASP A 196 20.41 -7.42 11.03
CA ASP A 196 21.65 -7.83 10.38
C ASP A 196 21.54 -7.92 8.86
N LEU A 197 20.43 -7.40 8.34
CA LEU A 197 20.16 -7.39 6.90
C LEU A 197 21.02 -6.33 6.21
N ALA A 198 21.81 -6.76 5.23
CA ALA A 198 22.70 -5.86 4.47
C ALA A 198 21.89 -4.79 3.74
N ASP A 199 22.07 -3.55 4.17
CA ASP A 199 21.35 -2.40 3.62
C ASP A 199 21.92 -1.87 2.31
N PHE A 200 21.06 -1.76 1.31
CA PHE A 200 21.47 -1.25 0.00
C PHE A 200 21.71 0.25 0.02
N ASN A 201 22.66 0.67 -0.81
CA ASN A 201 22.98 2.08 -0.97
C ASN A 201 22.41 2.44 -2.34
N HIS A 202 21.19 2.96 -2.34
CA HIS A 202 20.52 3.31 -3.59
C HIS A 202 21.10 4.53 -4.27
N ASN A 203 22.07 5.18 -3.63
CA ASN A 203 22.72 6.33 -4.23
C ASN A 203 23.72 5.81 -5.26
N ASN A 204 24.08 4.53 -5.14
CA ASN A 204 25.01 3.90 -6.08
C ASN A 204 24.25 3.68 -7.38
N ALA A 205 24.75 4.25 -8.47
CA ALA A 205 24.13 4.16 -9.79
C ALA A 205 23.77 2.74 -10.26
N THR A 206 24.65 1.78 -9.94
CA THR A 206 24.44 0.39 -10.33
C THR A 206 23.22 -0.20 -9.61
N ILE A 207 23.12 0.07 -8.30
CA ILE A 207 22.01 -0.41 -7.49
C ILE A 207 20.70 0.25 -7.90
N ASP A 208 20.78 1.53 -8.29
CA ASP A 208 19.61 2.28 -8.73
C ASP A 208 19.08 1.65 -10.01
N LYS A 209 19.98 1.42 -10.97
CA LYS A 209 19.58 0.83 -12.25
C LYS A 209 19.09 -0.60 -12.08
N TYR A 210 19.76 -1.35 -11.22
CA TYR A 210 19.41 -2.73 -10.96
C TYR A 210 17.96 -2.89 -10.56
N PHE A 211 17.49 -2.03 -9.65
CA PHE A 211 16.11 -2.13 -9.20
C PHE A 211 15.07 -1.66 -10.19
N LYS A 212 15.45 -0.70 -11.04
CA LYS A 212 14.51 -0.24 -12.05
C LYS A 212 14.37 -1.35 -13.08
N ASP A 213 15.51 -1.95 -13.43
CA ASP A 213 15.51 -3.05 -14.39
C ASP A 213 14.78 -4.26 -13.83
N ALA A 214 15.07 -4.59 -12.57
CA ALA A 214 14.46 -5.75 -11.91
C ALA A 214 12.95 -5.66 -11.76
N ILE A 215 12.43 -4.48 -11.46
CA ILE A 215 10.99 -4.36 -11.31
C ILE A 215 10.26 -4.47 -12.67
N LYS A 216 10.89 -3.94 -13.73
CA LYS A 216 10.31 -4.00 -15.07
C LYS A 216 10.10 -5.44 -15.52
N LEU A 217 11.04 -6.30 -15.14
CA LEU A 217 10.98 -7.72 -15.47
C LEU A 217 9.66 -8.29 -15.00
N TRP A 218 9.36 -8.09 -13.71
CA TRP A 218 8.14 -8.60 -13.11
C TRP A 218 6.87 -7.91 -13.63
N LEU A 219 6.97 -6.63 -13.95
CA LEU A 219 5.82 -5.90 -14.48
C LEU A 219 5.47 -6.47 -15.84
N ASP A 220 6.52 -6.76 -16.62
CA ASP A 220 6.39 -7.33 -17.95
C ASP A 220 5.77 -8.71 -17.95
N MET A 221 5.84 -9.39 -16.81
CA MET A 221 5.25 -10.72 -16.70
C MET A 221 3.77 -10.67 -16.38
N GLY A 222 3.26 -9.46 -16.16
CA GLY A 222 1.84 -9.29 -15.90
C GLY A 222 1.35 -9.06 -14.49
N VAL A 223 2.24 -8.74 -13.54
CA VAL A 223 1.79 -8.49 -12.16
C VAL A 223 0.89 -7.26 -12.14
N ASP A 224 -0.11 -7.27 -11.27
CA ASP A 224 -1.06 -6.17 -11.19
C ASP A 224 -0.86 -5.17 -10.07
N GLY A 225 0.02 -5.48 -9.13
CA GLY A 225 0.27 -4.59 -8.02
C GLY A 225 1.54 -4.93 -7.27
N ILE A 226 2.03 -3.99 -6.47
CA ILE A 226 3.25 -4.19 -5.70
C ILE A 226 3.15 -3.72 -4.27
N ARG A 227 3.58 -4.57 -3.34
CA ARG A 227 3.60 -4.23 -1.91
C ARG A 227 5.09 -4.04 -1.61
N VAL A 228 5.50 -2.79 -1.40
CA VAL A 228 6.89 -2.48 -1.10
C VAL A 228 7.17 -2.63 0.39
N ASP A 229 8.16 -3.46 0.71
CA ASP A 229 8.53 -3.73 2.08
C ASP A 229 9.47 -2.68 2.68
N ALA A 230 9.27 -2.37 3.97
CA ALA A 230 10.11 -1.43 4.71
C ALA A 230 10.34 -0.04 4.08
N VAL A 231 9.27 0.57 3.59
CA VAL A 231 9.38 1.88 2.96
C VAL A 231 9.92 2.97 3.90
N LYS A 232 9.79 2.72 5.20
CA LYS A 232 10.24 3.66 6.23
C LYS A 232 11.77 3.58 6.39
N HIS A 233 12.39 2.60 5.75
CA HIS A 233 13.82 2.40 5.88
C HIS A 233 14.64 2.68 4.62
N MET A 234 14.01 3.39 3.69
CA MET A 234 14.65 3.80 2.44
C MET A 234 14.28 5.26 2.25
N PRO A 235 15.13 6.03 1.56
CA PRO A 235 14.85 7.46 1.34
C PRO A 235 13.60 7.67 0.50
N LEU A 236 12.77 8.64 0.89
CA LEU A 236 11.55 8.94 0.14
C LEU A 236 11.93 9.35 -1.28
N GLY A 237 12.98 10.17 -1.38
CA GLY A 237 13.45 10.65 -2.67
C GLY A 237 13.74 9.55 -3.67
N TRP A 238 14.54 8.55 -3.27
CA TRP A 238 14.85 7.45 -4.18
C TRP A 238 13.59 6.70 -4.58
N GLN A 239 12.73 6.45 -3.60
CA GLN A 239 11.49 5.73 -3.84
C GLN A 239 10.56 6.44 -4.81
N LYS A 240 10.51 7.77 -4.73
CA LYS A 240 9.65 8.55 -5.62
C LYS A 240 10.20 8.45 -7.04
N SER A 241 11.52 8.51 -7.17
CA SER A 241 12.19 8.39 -8.45
C SER A 241 11.90 7.01 -9.05
N TRP A 242 12.06 5.99 -8.22
CA TRP A 242 11.82 4.61 -8.62
C TRP A 242 10.35 4.44 -9.05
N MET A 243 9.45 5.06 -8.30
CA MET A 243 8.03 5.00 -8.60
C MET A 243 7.69 5.64 -9.93
N SER A 244 8.35 6.75 -10.28
CA SER A 244 8.05 7.42 -11.53
C SER A 244 8.49 6.57 -12.72
N SER A 245 9.56 5.79 -12.55
CA SER A 245 10.04 4.95 -13.64
C SER A 245 9.05 3.82 -13.86
N ILE A 246 8.42 3.37 -12.78
CA ILE A 246 7.43 2.32 -12.85
C ILE A 246 6.19 2.84 -13.56
N TYR A 247 5.72 4.02 -13.15
CA TYR A 247 4.52 4.62 -13.74
C TYR A 247 4.69 5.01 -15.21
N ALA A 248 5.92 5.28 -15.62
CA ALA A 248 6.20 5.65 -16.99
C ALA A 248 6.26 4.40 -17.87
N HIS A 249 6.50 3.26 -17.23
CA HIS A 249 6.59 2.00 -17.96
C HIS A 249 5.28 1.22 -17.97
N LYS A 250 4.87 0.74 -16.80
CA LYS A 250 3.63 -0.02 -16.67
C LYS A 250 3.03 0.26 -15.31
N PRO A 251 2.16 1.28 -15.24
CA PRO A 251 1.51 1.66 -13.99
C PRO A 251 0.68 0.58 -13.32
N VAL A 252 1.00 0.29 -12.07
CA VAL A 252 0.28 -0.70 -11.27
C VAL A 252 0.10 -0.12 -9.87
N PHE A 253 -0.95 -0.57 -9.18
CA PHE A 253 -1.22 -0.10 -7.83
C PHE A 253 -0.08 -0.51 -6.89
N THR A 254 0.55 0.48 -6.27
CA THR A 254 1.67 0.24 -5.36
C THR A 254 1.41 0.82 -3.98
N PHE A 255 1.68 0.02 -2.95
CA PHE A 255 1.51 0.46 -1.58
C PHE A 255 2.67 -0.07 -0.73
N GLY A 256 2.98 0.62 0.35
CA GLY A 256 4.09 0.21 1.18
C GLY A 256 3.76 -0.02 2.65
N ALA A 257 4.74 -0.60 3.36
CA ALA A 257 4.58 -0.89 4.78
C ALA A 257 5.38 0.03 5.66
N TRP A 258 4.69 0.96 6.30
CA TRP A 258 5.29 1.92 7.22
C TRP A 258 4.63 1.63 8.57
N PHE A 259 5.32 0.87 9.41
CA PHE A 259 4.77 0.50 10.71
C PHE A 259 4.45 1.63 11.67
N LEU A 260 3.29 1.52 12.30
CA LEU A 260 2.82 2.47 13.30
C LEU A 260 2.18 1.67 14.43
N GLY A 261 2.41 2.12 15.67
CA GLY A 261 1.88 1.42 16.82
C GLY A 261 0.51 1.81 17.34
N SER A 262 0.01 2.97 16.95
CA SER A 262 -1.31 3.41 17.39
C SER A 262 -2.11 4.03 16.26
N ALA A 263 -3.33 4.46 16.57
CA ALA A 263 -4.21 5.09 15.59
C ALA A 263 -3.88 6.56 15.47
N ALA A 264 -2.91 7.03 16.26
CA ALA A 264 -2.51 8.43 16.26
C ALA A 264 -1.84 8.86 14.96
N SER A 265 -2.11 10.10 14.59
CA SER A 265 -1.55 10.69 13.39
C SER A 265 -0.03 10.77 13.51
N ASP A 266 0.67 10.45 12.42
CA ASP A 266 2.13 10.51 12.42
C ASP A 266 2.54 11.34 11.22
N ALA A 267 3.19 12.48 11.49
CA ALA A 267 3.62 13.39 10.45
C ALA A 267 4.40 12.77 9.29
N ASP A 268 5.47 12.04 9.59
CA ASP A 268 6.29 11.41 8.55
C ASP A 268 5.50 10.43 7.70
N ASN A 269 4.66 9.65 8.37
CA ASN A 269 3.82 8.65 7.72
C ASN A 269 2.86 9.35 6.76
N THR A 270 2.24 10.43 7.22
CA THR A 270 1.31 11.19 6.39
C THR A 270 2.03 11.78 5.17
N ASP A 271 3.21 12.34 5.40
CA ASP A 271 4.03 12.91 4.33
C ASP A 271 4.35 11.87 3.27
N PHE A 272 4.79 10.70 3.72
CA PHE A 272 5.13 9.64 2.79
C PHE A 272 3.96 9.24 1.90
N ALA A 273 2.81 9.00 2.51
CA ALA A 273 1.61 8.61 1.78
C ALA A 273 1.18 9.69 0.78
N ASN A 274 1.44 10.95 1.11
CA ASN A 274 1.08 12.06 0.26
C ASN A 274 2.12 12.49 -0.77
N LYS A 275 3.40 12.23 -0.50
CA LYS A 275 4.46 12.66 -1.39
C LYS A 275 5.29 11.60 -2.12
N SER A 276 5.22 10.35 -1.70
CA SER A 276 6.02 9.29 -2.31
C SER A 276 5.60 8.81 -3.68
N GLY A 277 4.31 8.83 -3.96
CA GLY A 277 3.82 8.34 -5.23
C GLY A 277 3.11 7.00 -5.04
N MET A 278 3.15 6.49 -3.81
CA MET A 278 2.50 5.22 -3.47
C MET A 278 1.71 5.41 -2.18
N SER A 279 0.80 4.49 -1.89
CA SER A 279 0.01 4.55 -0.67
C SER A 279 0.59 3.63 0.40
N LEU A 280 -0.11 3.47 1.51
CA LEU A 280 0.39 2.68 2.61
C LEU A 280 -0.61 1.69 3.20
N LEU A 281 -0.08 0.76 4.00
CA LEU A 281 -0.91 -0.20 4.72
C LEU A 281 -1.44 0.67 5.84
N ASP A 282 -2.75 0.66 6.03
CA ASP A 282 -3.38 1.49 7.05
C ASP A 282 -3.25 0.95 8.48
N PHE A 283 -2.11 1.20 9.11
CA PHE A 283 -1.88 0.74 10.49
C PHE A 283 -2.73 1.48 11.52
N ARG A 284 -3.16 2.70 11.20
CA ARG A 284 -3.99 3.47 12.11
C ARG A 284 -5.38 2.82 12.15
N PHE A 285 -5.89 2.46 10.98
CA PHE A 285 -7.18 1.80 10.86
C PHE A 285 -7.11 0.48 11.63
N ASN A 286 -6.02 -0.25 11.42
CA ASN A 286 -5.80 -1.54 12.08
C ASN A 286 -5.88 -1.43 13.61
N SER A 287 -5.14 -0.47 14.18
CA SER A 287 -5.11 -0.27 15.63
C SER A 287 -6.47 0.01 16.23
N ALA A 288 -7.21 0.92 15.62
CA ALA A 288 -8.53 1.28 16.08
C ALA A 288 -9.44 0.06 16.07
N VAL A 289 -9.42 -0.68 14.97
CA VAL A 289 -10.24 -1.87 14.82
C VAL A 289 -9.95 -2.91 15.89
N ARG A 290 -8.67 -3.14 16.16
CA ARG A 290 -8.26 -4.13 17.18
C ARG A 290 -8.58 -3.66 18.60
N ASN A 291 -8.40 -2.36 18.86
CA ASN A 291 -8.68 -1.79 20.17
C ASN A 291 -10.16 -1.91 20.49
N VAL A 292 -10.99 -1.70 19.48
CA VAL A 292 -12.44 -1.76 19.63
C VAL A 292 -13.07 -3.15 19.61
N PHE A 293 -12.76 -3.95 18.60
CA PHE A 293 -13.35 -5.28 18.46
C PHE A 293 -12.62 -6.43 19.14
N ARG A 294 -11.29 -6.34 19.20
CA ARG A 294 -10.49 -7.41 19.77
C ARG A 294 -10.14 -7.24 21.25
N ASP A 295 -9.38 -6.19 21.54
CA ASP A 295 -8.89 -5.94 22.89
C ASP A 295 -9.79 -5.18 23.86
N ASN A 296 -10.87 -4.59 23.37
CA ASN A 296 -11.81 -3.83 24.22
C ASN A 296 -11.15 -2.69 25.00
N THR A 297 -10.14 -2.06 24.42
CA THR A 297 -9.45 -0.96 25.10
C THR A 297 -9.92 0.41 24.62
N SER A 298 -10.89 0.43 23.71
CA SER A 298 -11.47 1.65 23.16
C SER A 298 -12.91 1.36 22.80
N ASN A 299 -13.71 2.41 22.62
CA ASN A 299 -15.11 2.24 22.25
C ASN A 299 -15.36 2.79 20.85
N MET A 300 -16.60 2.71 20.39
CA MET A 300 -16.97 3.15 19.05
C MET A 300 -16.51 4.55 18.66
N TYR A 301 -16.40 5.45 19.64
CA TYR A 301 -15.97 6.81 19.34
C TYR A 301 -14.54 6.86 18.77
N ALA A 302 -13.68 5.95 19.23
CA ALA A 302 -12.30 5.90 18.77
C ALA A 302 -12.26 5.47 17.31
N LEU A 303 -13.24 4.67 16.93
CA LEU A 303 -13.36 4.16 15.57
C LEU A 303 -13.78 5.31 14.65
N ASP A 304 -14.82 6.05 15.05
CA ASP A 304 -15.31 7.18 14.26
C ASP A 304 -14.27 8.28 14.16
N SER A 305 -13.56 8.51 15.26
CA SER A 305 -12.52 9.52 15.30
C SER A 305 -11.41 9.22 14.28
N MET A 306 -11.03 7.94 14.20
CA MET A 306 -9.99 7.48 13.28
C MET A 306 -10.44 7.66 11.82
N ILE A 307 -11.69 7.33 11.55
CA ILE A 307 -12.26 7.48 10.21
C ILE A 307 -12.13 8.94 9.76
N ASN A 308 -12.52 9.87 10.62
CA ASN A 308 -12.44 11.29 10.31
C ASN A 308 -11.02 11.80 10.22
N SER A 309 -10.18 11.42 11.17
CA SER A 309 -8.80 11.86 11.17
C SER A 309 -8.00 11.40 9.96
N THR A 310 -8.14 10.12 9.59
CA THR A 310 -7.40 9.60 8.44
C THR A 310 -7.87 10.20 7.13
N ALA A 311 -9.18 10.47 7.03
CA ALA A 311 -9.77 11.08 5.83
C ALA A 311 -9.22 12.48 5.62
N THR A 312 -8.81 13.12 6.72
CA THR A 312 -8.27 14.47 6.71
C THR A 312 -6.78 14.49 6.42
N ASP A 313 -6.06 13.52 6.96
CA ASP A 313 -4.61 13.45 6.80
C ASP A 313 -4.11 13.00 5.43
N TYR A 314 -4.66 11.91 4.92
CA TYR A 314 -4.25 11.38 3.64
C TYR A 314 -5.00 12.04 2.49
N ASN A 315 -4.26 12.42 1.44
CA ASN A 315 -4.86 13.04 0.28
C ASN A 315 -5.86 12.08 -0.34
N GLN A 316 -5.45 10.82 -0.52
CA GLN A 316 -6.35 9.81 -1.08
C GLN A 316 -6.51 8.66 -0.10
N VAL A 317 -7.47 8.82 0.81
CA VAL A 317 -7.74 7.81 1.82
C VAL A 317 -8.22 6.48 1.24
N ASN A 318 -8.81 6.52 0.03
CA ASN A 318 -9.30 5.30 -0.63
C ASN A 318 -8.20 4.39 -1.17
N ASP A 319 -6.96 4.85 -1.11
CA ASP A 319 -5.83 4.07 -1.60
C ASP A 319 -5.08 3.35 -0.49
N GLN A 320 -5.49 3.58 0.76
CA GLN A 320 -4.83 2.96 1.91
C GLN A 320 -5.34 1.53 2.09
N VAL A 321 -4.42 0.60 2.33
CA VAL A 321 -4.77 -0.80 2.49
C VAL A 321 -5.09 -1.19 3.94
N THR A 322 -6.34 -1.59 4.16
CA THR A 322 -6.82 -1.96 5.48
C THR A 322 -6.77 -3.45 5.79
N PHE A 323 -6.69 -3.79 7.07
CA PHE A 323 -6.61 -5.17 7.52
C PHE A 323 -6.85 -5.28 9.03
N ILE A 324 -7.21 -6.47 9.50
CA ILE A 324 -7.41 -6.68 10.93
C ILE A 324 -6.18 -7.34 11.58
N ASP A 325 -5.31 -7.91 10.76
CA ASP A 325 -4.06 -8.52 11.21
C ASP A 325 -3.18 -8.91 10.02
N ASN A 326 -1.92 -9.25 10.30
CA ASN A 326 -0.98 -9.69 9.27
C ASN A 326 0.21 -10.38 9.93
N HIS A 327 1.26 -10.66 9.15
CA HIS A 327 2.44 -11.36 9.66
C HIS A 327 3.30 -10.59 10.67
N ASP A 328 2.99 -9.31 10.90
CA ASP A 328 3.77 -8.50 11.84
C ASP A 328 3.13 -8.38 13.22
N MET A 329 2.02 -9.05 13.45
CA MET A 329 1.34 -8.97 14.74
C MET A 329 0.61 -10.26 15.09
N ASP A 330 0.05 -10.30 16.29
CA ASP A 330 -0.68 -11.47 16.74
C ASP A 330 -1.94 -11.65 15.92
N ARG A 331 -2.32 -12.89 15.69
CA ARG A 331 -3.54 -13.21 14.95
C ARG A 331 -4.69 -12.56 15.70
N PHE A 332 -5.68 -12.07 14.96
CA PHE A 332 -6.84 -11.41 15.57
C PHE A 332 -7.49 -12.36 16.57
N LYS A 333 -7.66 -13.61 16.14
CA LYS A 333 -8.27 -14.64 16.96
C LYS A 333 -7.36 -15.16 18.08
N THR A 334 -7.92 -15.16 19.28
CA THR A 334 -7.28 -15.64 20.50
C THR A 334 -8.40 -16.35 21.24
N SER A 335 -8.04 -17.20 22.19
CA SER A 335 -9.04 -17.93 22.98
C SER A 335 -10.01 -16.97 23.67
N ALA A 336 -9.51 -15.80 24.06
CA ALA A 336 -10.32 -14.78 24.73
C ALA A 336 -11.14 -13.90 23.78
N VAL A 337 -10.90 -14.05 22.48
CA VAL A 337 -11.61 -13.28 21.45
C VAL A 337 -12.71 -14.12 20.80
N ASN A 338 -13.94 -13.63 20.85
CA ASN A 338 -15.10 -14.32 20.27
C ASN A 338 -15.07 -14.35 18.76
N ASN A 339 -15.70 -15.37 18.19
CA ASN A 339 -15.80 -15.52 16.74
C ASN A 339 -16.56 -14.34 16.15
N ARG A 340 -17.63 -13.94 16.81
CA ARG A 340 -18.45 -12.82 16.34
C ARG A 340 -17.66 -11.53 16.22
N ARG A 341 -16.71 -11.30 17.14
CA ARG A 341 -15.89 -10.08 17.11
C ARG A 341 -14.97 -10.08 15.88
N LEU A 342 -14.47 -11.26 15.51
CA LEU A 342 -13.62 -11.45 14.34
C LEU A 342 -14.51 -11.14 13.14
N GLU A 343 -15.70 -11.73 13.14
CA GLU A 343 -16.67 -11.56 12.05
C GLU A 343 -17.10 -10.10 11.88
N GLN A 344 -17.28 -9.39 12.98
CA GLN A 344 -17.67 -7.99 12.93
C GLN A 344 -16.52 -7.14 12.40
N ALA A 345 -15.30 -7.47 12.80
CA ALA A 345 -14.14 -6.72 12.34
C ALA A 345 -13.99 -6.88 10.83
N LEU A 346 -14.32 -8.06 10.32
CA LEU A 346 -14.24 -8.32 8.88
C LEU A 346 -15.29 -7.51 8.15
N ALA A 347 -16.53 -7.61 8.61
CA ALA A 347 -17.64 -6.88 8.00
C ALA A 347 -17.34 -5.39 7.95
N PHE A 348 -16.81 -4.86 9.06
CA PHE A 348 -16.47 -3.45 9.15
C PHE A 348 -15.42 -3.11 8.09
N THR A 349 -14.33 -3.87 8.08
CA THR A 349 -13.24 -3.65 7.14
C THR A 349 -13.67 -3.73 5.68
N LEU A 350 -14.50 -4.73 5.36
CA LEU A 350 -14.96 -4.95 3.99
C LEU A 350 -15.90 -3.87 3.45
N THR A 351 -16.58 -3.15 4.34
CA THR A 351 -17.51 -2.12 3.94
C THR A 351 -16.98 -0.70 4.16
N SER A 352 -15.77 -0.59 4.71
CA SER A 352 -15.17 0.72 4.98
C SER A 352 -14.28 1.17 3.83
N ARG A 353 -13.82 2.42 3.89
CA ARG A 353 -12.98 3.00 2.85
C ARG A 353 -11.61 2.34 2.75
N GLY A 354 -10.97 2.49 1.58
CA GLY A 354 -9.65 1.91 1.36
C GLY A 354 -9.70 0.59 0.62
N VAL A 355 -8.56 -0.09 0.56
CA VAL A 355 -8.45 -1.38 -0.10
C VAL A 355 -8.28 -2.46 0.98
N PRO A 356 -9.32 -3.28 1.23
CA PRO A 356 -9.24 -4.32 2.26
C PRO A 356 -8.40 -5.54 1.89
N ALA A 357 -7.63 -6.01 2.87
CA ALA A 357 -6.77 -7.19 2.69
C ALA A 357 -7.06 -8.16 3.83
N ILE A 358 -7.11 -9.46 3.50
CA ILE A 358 -7.37 -10.49 4.49
C ILE A 358 -6.17 -11.43 4.57
N TYR A 359 -5.66 -11.61 5.77
CA TYR A 359 -4.52 -12.48 5.99
C TYR A 359 -5.03 -13.92 5.89
N TYR A 360 -4.40 -14.73 5.05
CA TYR A 360 -4.83 -16.12 4.85
C TYR A 360 -5.15 -16.88 6.14
N GLY A 361 -6.25 -17.61 6.13
CA GLY A 361 -6.63 -18.38 7.29
C GLY A 361 -7.60 -17.67 8.22
N THR A 362 -7.84 -16.38 7.98
CA THR A 362 -8.76 -15.64 8.82
C THR A 362 -10.15 -16.26 8.74
N GLU A 363 -10.47 -16.80 7.56
CA GLU A 363 -11.76 -17.44 7.32
C GLU A 363 -11.86 -18.77 8.03
N GLN A 364 -10.73 -19.26 8.56
CA GLN A 364 -10.70 -20.52 9.29
C GLN A 364 -10.42 -20.28 10.77
N TYR A 365 -10.44 -19.01 11.19
CA TYR A 365 -10.20 -18.60 12.57
C TYR A 365 -8.85 -19.06 13.11
N LEU A 366 -7.82 -18.94 12.28
CA LEU A 366 -6.46 -19.34 12.66
C LEU A 366 -5.92 -18.52 13.83
N THR A 367 -5.30 -19.18 14.79
CA THR A 367 -4.70 -18.52 15.94
C THR A 367 -3.18 -18.51 15.77
N GLY A 368 -2.49 -17.77 16.64
CA GLY A 368 -1.04 -17.73 16.55
C GLY A 368 -0.50 -16.37 16.92
N ASN A 369 0.24 -16.32 18.02
CA ASN A 369 0.82 -15.06 18.48
C ASN A 369 2.29 -14.93 18.15
N GLY A 370 2.65 -13.78 17.59
CA GLY A 370 4.03 -13.51 17.25
C GLY A 370 4.63 -14.29 16.10
N ASP A 371 5.82 -13.86 15.71
CA ASP A 371 6.60 -14.48 14.64
C ASP A 371 7.29 -15.65 15.36
N PRO A 372 7.21 -16.88 14.80
CA PRO A 372 6.53 -17.34 13.58
C PRO A 372 5.17 -17.99 13.75
N ASP A 373 4.67 -18.07 14.97
CA ASP A 373 3.38 -18.72 15.23
C ASP A 373 2.21 -18.18 14.42
N ASN A 374 2.28 -16.91 14.02
CA ASN A 374 1.20 -16.29 13.23
C ASN A 374 1.30 -16.61 11.74
N ARG A 375 2.25 -17.46 11.37
CA ARG A 375 2.46 -17.85 9.98
C ARG A 375 2.31 -19.36 9.83
N ALA A 376 1.32 -19.93 10.53
CA ALA A 376 1.06 -21.36 10.49
C ALA A 376 0.49 -21.81 9.15
N LYS A 377 0.57 -23.11 8.90
CA LYS A 377 0.07 -23.72 7.66
C LYS A 377 -1.45 -23.59 7.59
N MET A 378 -2.01 -23.48 6.39
CA MET A 378 -3.47 -23.39 6.22
C MET A 378 -4.04 -24.70 6.74
N PRO A 379 -4.77 -24.66 7.88
CA PRO A 379 -5.38 -25.84 8.51
C PRO A 379 -6.46 -26.58 7.73
N SER A 380 -7.23 -25.86 6.92
CA SER A 380 -8.30 -26.48 6.15
C SER A 380 -8.81 -25.56 5.05
N PHE A 381 -9.59 -26.13 4.14
CA PHE A 381 -10.16 -25.37 3.02
C PHE A 381 -11.67 -25.46 3.05
N SER A 382 -12.22 -25.53 4.26
CA SER A 382 -13.66 -25.61 4.47
C SER A 382 -14.33 -24.32 4.03
N LYS A 383 -15.52 -24.43 3.44
CA LYS A 383 -16.26 -23.26 2.98
C LYS A 383 -17.51 -23.06 3.84
N SER A 384 -17.55 -23.71 5.00
CA SER A 384 -18.72 -23.63 5.88
C SER A 384 -18.69 -22.68 7.07
N THR A 385 -17.54 -22.10 7.39
CA THR A 385 -17.46 -21.19 8.54
C THR A 385 -18.28 -19.92 8.33
N THR A 386 -18.69 -19.29 9.43
CA THR A 386 -19.46 -18.06 9.34
C THR A 386 -18.62 -16.95 8.73
N ALA A 387 -17.34 -16.92 9.09
CA ALA A 387 -16.43 -15.91 8.56
C ALA A 387 -16.31 -16.03 7.03
N PHE A 388 -16.25 -17.26 6.53
CA PHE A 388 -16.15 -17.51 5.09
C PHE A 388 -17.40 -16.92 4.41
N ASN A 389 -18.55 -17.15 5.05
CA ASN A 389 -19.84 -16.67 4.57
C ASN A 389 -19.90 -15.15 4.48
N VAL A 390 -19.44 -14.49 5.53
CA VAL A 390 -19.43 -13.04 5.60
C VAL A 390 -18.60 -12.43 4.46
N ILE A 391 -17.43 -13.00 4.22
CA ILE A 391 -16.56 -12.49 3.17
C ILE A 391 -17.19 -12.67 1.79
N SER A 392 -17.75 -13.85 1.54
CA SER A 392 -18.37 -14.12 0.24
C SER A 392 -19.58 -13.24 -0.07
N LYS A 393 -20.29 -12.80 0.97
CA LYS A 393 -21.46 -11.95 0.79
C LYS A 393 -21.13 -10.45 0.71
N LEU A 394 -20.08 -10.03 1.41
CA LEU A 394 -19.71 -8.63 1.42
C LEU A 394 -18.68 -8.21 0.37
N ALA A 395 -17.75 -9.10 0.05
CA ALA A 395 -16.71 -8.80 -0.94
C ALA A 395 -17.25 -8.32 -2.29
N PRO A 396 -18.25 -9.04 -2.85
CA PRO A 396 -18.83 -8.66 -4.15
C PRO A 396 -19.43 -7.25 -4.18
N LEU A 397 -19.78 -6.72 -3.02
CA LEU A 397 -20.36 -5.39 -2.91
C LEU A 397 -19.40 -4.30 -3.33
N ARG A 398 -18.10 -4.56 -3.23
CA ARG A 398 -17.11 -3.58 -3.64
C ARG A 398 -17.11 -3.43 -5.16
N LYS A 399 -17.55 -4.48 -5.84
CA LYS A 399 -17.63 -4.49 -7.30
C LYS A 399 -19.00 -3.96 -7.75
N SER A 400 -20.06 -4.40 -7.07
CA SER A 400 -21.43 -3.99 -7.42
C SER A 400 -21.93 -2.63 -6.93
N ASN A 401 -21.41 -2.14 -5.81
CA ASN A 401 -21.84 -0.85 -5.25
C ASN A 401 -20.69 0.15 -5.17
N PRO A 402 -20.74 1.21 -6.00
CA PRO A 402 -19.68 2.22 -6.00
C PRO A 402 -19.58 3.01 -4.69
N ALA A 403 -20.64 3.01 -3.90
CA ALA A 403 -20.65 3.72 -2.62
C ALA A 403 -19.59 3.12 -1.70
N ILE A 404 -19.45 1.79 -1.75
CA ILE A 404 -18.48 1.10 -0.92
C ILE A 404 -17.05 1.21 -1.43
N ALA A 405 -16.89 1.23 -2.75
CA ALA A 405 -15.57 1.31 -3.35
C ALA A 405 -14.99 2.72 -3.43
N TYR A 406 -15.84 3.71 -3.72
CA TYR A 406 -15.37 5.09 -3.87
C TYR A 406 -15.99 6.11 -2.92
N GLY A 407 -17.03 5.70 -2.21
CA GLY A 407 -17.75 6.61 -1.34
C GLY A 407 -17.10 7.22 -0.12
N SER A 408 -17.75 8.27 0.38
CA SER A 408 -17.30 8.96 1.59
C SER A 408 -17.89 8.19 2.76
N THR A 409 -17.61 8.64 3.98
CA THR A 409 -18.11 8.00 5.18
C THR A 409 -18.69 9.02 6.15
N GLN A 410 -19.90 8.75 6.63
CA GLN A 410 -20.55 9.64 7.58
C GLN A 410 -21.24 8.87 8.70
N GLN A 411 -21.03 9.32 9.93
CA GLN A 411 -21.63 8.69 11.09
C GLN A 411 -23.09 9.07 11.21
N ARG A 412 -23.97 8.08 11.31
CA ARG A 412 -25.41 8.34 11.42
C ARG A 412 -25.96 8.07 12.83
N TRP A 413 -25.26 7.23 13.61
CA TRP A 413 -25.69 6.90 14.97
C TRP A 413 -24.50 6.30 15.70
N ILE A 414 -24.40 6.60 16.99
CA ILE A 414 -23.26 6.09 17.75
C ILE A 414 -23.36 6.24 19.27
N ASN A 415 -22.69 5.31 19.96
CA ASN A 415 -22.55 5.30 21.41
C ASN A 415 -21.41 4.35 21.72
N ASN A 416 -21.12 4.10 22.98
CA ASN A 416 -19.99 3.24 23.35
C ASN A 416 -19.88 1.90 22.63
N ASP A 417 -21.00 1.23 22.39
CA ASP A 417 -21.00 -0.08 21.74
C ASP A 417 -21.65 -0.17 20.36
N VAL A 418 -22.42 0.83 19.97
CA VAL A 418 -23.08 0.82 18.67
C VAL A 418 -22.50 1.86 17.71
N TYR A 419 -22.45 1.50 16.43
CA TYR A 419 -21.93 2.37 15.40
C TYR A 419 -22.69 2.15 14.10
N VAL A 420 -23.28 3.23 13.57
CA VAL A 420 -24.01 3.15 12.32
C VAL A 420 -23.42 4.21 11.40
N TYR A 421 -22.78 3.76 10.33
CA TYR A 421 -22.17 4.68 9.38
C TYR A 421 -22.75 4.53 7.99
N GLU A 422 -22.54 5.56 7.18
CA GLU A 422 -23.05 5.58 5.82
C GLU A 422 -21.99 5.87 4.78
N ARG A 423 -21.98 5.04 3.74
CA ARG A 423 -21.06 5.21 2.63
C ARG A 423 -21.93 5.75 1.50
N LYS A 424 -21.47 6.81 0.84
CA LYS A 424 -22.26 7.40 -0.22
C LYS A 424 -21.41 7.88 -1.38
N PHE A 425 -21.91 7.63 -2.60
CA PHE A 425 -21.24 8.03 -3.83
C PHE A 425 -22.34 8.24 -4.87
N GLY A 426 -22.60 9.51 -5.19
CA GLY A 426 -23.64 9.82 -6.15
C GLY A 426 -24.98 9.44 -5.53
N LYS A 427 -25.78 8.68 -6.26
CA LYS A 427 -27.09 8.27 -5.77
C LYS A 427 -27.02 6.93 -5.03
N SER A 428 -25.90 6.23 -5.17
CA SER A 428 -25.69 4.94 -4.51
C SER A 428 -25.31 5.14 -3.04
N VAL A 429 -25.92 4.36 -2.17
CA VAL A 429 -25.65 4.46 -0.75
C VAL A 429 -25.57 3.09 -0.08
N ALA A 430 -24.86 3.03 1.04
CA ALA A 430 -24.69 1.81 1.82
C ALA A 430 -24.66 2.22 3.29
N VAL A 431 -25.45 1.54 4.10
CA VAL A 431 -25.52 1.82 5.53
C VAL A 431 -25.19 0.56 6.32
N VAL A 432 -24.23 0.68 7.23
CA VAL A 432 -23.80 -0.45 8.05
C VAL A 432 -24.01 -0.16 9.54
N ALA A 433 -24.64 -1.11 10.24
CA ALA A 433 -24.91 -0.99 11.66
C ALA A 433 -24.17 -2.11 12.41
N VAL A 434 -23.44 -1.73 13.45
CA VAL A 434 -22.68 -2.70 14.25
C VAL A 434 -22.91 -2.54 15.75
N ASN A 435 -23.19 -3.64 16.43
CA ASN A 435 -23.37 -3.66 17.87
C ASN A 435 -22.35 -4.64 18.43
N ARG A 436 -21.23 -4.14 18.93
CA ARG A 436 -20.18 -5.02 19.46
C ARG A 436 -20.52 -5.69 20.80
N ASN A 437 -21.57 -5.22 21.46
CA ASN A 437 -21.97 -5.79 22.74
C ASN A 437 -22.55 -7.18 22.50
N LEU A 438 -21.91 -8.17 23.11
CA LEU A 438 -22.30 -9.56 22.95
C LEU A 438 -23.49 -10.05 23.75
N SER A 439 -23.91 -9.30 24.76
CA SER A 439 -25.03 -9.75 25.59
C SER A 439 -26.30 -8.93 25.54
N THR A 440 -26.19 -7.64 25.24
CA THR A 440 -27.38 -6.81 25.21
C THR A 440 -27.68 -6.16 23.86
N SER A 441 -28.96 -6.12 23.52
CA SER A 441 -29.41 -5.52 22.27
C SER A 441 -29.59 -4.01 22.45
N ALA A 442 -29.74 -3.29 21.34
CA ALA A 442 -29.90 -1.84 21.39
C ALA A 442 -31.13 -1.34 20.64
N SER A 443 -31.87 -0.43 21.25
CA SER A 443 -33.05 0.15 20.62
C SER A 443 -32.64 1.42 19.89
N ILE A 444 -32.69 1.38 18.56
CA ILE A 444 -32.32 2.53 17.75
C ILE A 444 -33.54 3.37 17.40
N THR A 445 -33.48 4.65 17.73
CA THR A 445 -34.56 5.58 17.45
C THR A 445 -33.98 6.86 16.84
N GLY A 446 -34.71 7.46 15.91
CA GLY A 446 -34.27 8.69 15.28
C GLY A 446 -33.11 8.56 14.32
N LEU A 447 -33.02 7.41 13.65
CA LEU A 447 -31.95 7.19 12.68
C LEU A 447 -32.31 7.73 11.29
N SER A 448 -31.42 8.57 10.75
CA SER A 448 -31.61 9.16 9.43
C SER A 448 -30.50 8.69 8.51
N THR A 449 -30.85 8.44 7.26
CA THR A 449 -29.91 7.98 6.24
C THR A 449 -30.30 8.59 4.91
N SER A 450 -29.51 8.30 3.87
CA SER A 450 -29.79 8.79 2.53
C SER A 450 -30.54 7.72 1.74
N LEU A 451 -30.97 6.68 2.42
CA LEU A 451 -31.71 5.61 1.77
C LEU A 451 -33.08 6.10 1.34
N PRO A 452 -33.43 5.90 0.05
CA PRO A 452 -34.72 6.33 -0.49
C PRO A 452 -35.83 5.53 0.18
N THR A 453 -37.05 6.05 0.10
CA THR A 453 -38.20 5.38 0.69
C THR A 453 -38.30 3.95 0.16
N GLY A 454 -38.47 2.99 1.06
CA GLY A 454 -38.59 1.60 0.65
C GLY A 454 -38.22 0.66 1.78
N SER A 455 -38.29 -0.64 1.51
CA SER A 455 -37.95 -1.67 2.50
C SER A 455 -36.59 -2.26 2.17
N TYR A 456 -35.71 -2.34 3.17
CA TYR A 456 -34.38 -2.87 2.94
C TYR A 456 -34.04 -4.17 3.66
N THR A 457 -33.48 -5.10 2.91
CA THR A 457 -33.09 -6.39 3.42
C THR A 457 -31.62 -6.38 3.77
N ASP A 458 -31.26 -7.10 4.84
CA ASP A 458 -29.88 -7.21 5.28
C ASP A 458 -29.12 -7.99 4.22
N VAL A 459 -28.08 -7.38 3.68
CA VAL A 459 -27.25 -8.02 2.66
C VAL A 459 -26.62 -9.30 3.18
N LEU A 460 -26.42 -9.38 4.49
CA LEU A 460 -25.84 -10.57 5.12
C LEU A 460 -26.86 -11.68 5.30
N GLY A 461 -28.13 -11.38 5.04
CA GLY A 461 -29.18 -12.38 5.18
C GLY A 461 -29.39 -12.82 6.61
N GLY A 462 -28.98 -12.01 7.56
CA GLY A 462 -29.17 -12.35 8.97
C GLY A 462 -28.14 -13.27 9.57
N VAL A 463 -27.08 -13.61 8.84
CA VAL A 463 -26.05 -14.50 9.39
C VAL A 463 -25.36 -13.91 10.63
N LEU A 464 -25.33 -12.58 10.72
CA LEU A 464 -24.74 -11.89 11.86
C LEU A 464 -25.85 -11.20 12.62
N ASN A 465 -26.99 -11.89 12.71
CA ASN A 465 -28.19 -11.42 13.40
C ASN A 465 -28.69 -10.07 12.92
N GLY A 466 -28.49 -9.79 11.65
CA GLY A 466 -28.93 -8.52 11.08
C GLY A 466 -30.43 -8.55 10.88
N ASN A 467 -31.03 -7.38 10.70
CA ASN A 467 -32.47 -7.26 10.51
C ASN A 467 -32.79 -6.40 9.29
N ASN A 468 -34.08 -6.31 8.98
CA ASN A 468 -34.52 -5.52 7.84
C ASN A 468 -35.08 -4.19 8.35
N ILE A 469 -35.03 -3.17 7.51
CA ILE A 469 -35.51 -1.86 7.89
C ILE A 469 -36.43 -1.24 6.86
N THR A 470 -37.08 -0.13 7.25
CA THR A 470 -37.98 0.59 6.37
C THR A 470 -37.58 2.05 6.36
N SER A 471 -37.38 2.60 5.17
CA SER A 471 -37.00 3.99 5.03
C SER A 471 -38.17 4.82 4.55
N THR A 472 -38.29 6.01 5.11
CA THR A 472 -39.36 6.93 4.72
C THR A 472 -38.61 8.24 4.48
N ASN A 473 -37.99 8.33 3.31
CA ASN A 473 -37.20 9.50 2.91
C ASN A 473 -35.99 9.65 3.83
N GLY A 474 -35.30 8.54 4.07
CA GLY A 474 -34.13 8.56 4.93
C GLY A 474 -34.42 8.21 6.38
N SER A 475 -35.57 8.62 6.89
CA SER A 475 -35.95 8.32 8.26
C SER A 475 -36.28 6.84 8.40
N ILE A 476 -35.44 6.15 9.16
CA ILE A 476 -35.62 4.72 9.38
C ILE A 476 -36.55 4.53 10.58
N ASN A 477 -37.50 3.62 10.44
CA ASN A 477 -38.43 3.33 11.52
C ASN A 477 -37.67 2.65 12.65
N ASN A 478 -38.11 2.88 13.89
CA ASN A 478 -37.47 2.31 15.07
C ASN A 478 -37.28 0.81 14.98
N PHE A 479 -36.12 0.34 15.45
CA PHE A 479 -35.82 -1.09 15.43
C PHE A 479 -34.84 -1.48 16.51
N THR A 480 -34.78 -2.77 16.78
CA THR A 480 -33.88 -3.30 17.78
C THR A 480 -32.72 -4.00 17.11
N LEU A 481 -31.50 -3.57 17.44
CA LEU A 481 -30.29 -4.15 16.89
C LEU A 481 -29.87 -5.23 17.90
N ALA A 482 -29.98 -6.48 17.50
CA ALA A 482 -29.65 -7.61 18.37
C ALA A 482 -28.23 -7.60 18.93
N ALA A 483 -28.00 -8.37 19.99
CA ALA A 483 -26.69 -8.46 20.61
C ALA A 483 -25.70 -9.01 19.59
N GLY A 484 -24.54 -8.37 19.50
CA GLY A 484 -23.51 -8.79 18.56
C GLY A 484 -23.94 -8.76 17.10
N ALA A 485 -25.00 -8.01 16.81
CA ALA A 485 -25.50 -7.92 15.45
C ALA A 485 -24.74 -6.94 14.57
N THR A 486 -24.85 -7.17 13.27
CA THR A 486 -24.26 -6.32 12.27
C THR A 486 -25.02 -6.58 10.98
N ALA A 487 -25.55 -5.50 10.41
CA ALA A 487 -26.35 -5.55 9.20
C ALA A 487 -25.90 -4.54 8.16
N VAL A 488 -26.15 -4.85 6.90
CA VAL A 488 -25.78 -3.98 5.79
C VAL A 488 -26.98 -3.77 4.89
N TRP A 489 -27.34 -2.51 4.69
CA TRP A 489 -28.46 -2.13 3.84
C TRP A 489 -27.91 -1.21 2.78
N GLN A 490 -28.30 -1.43 1.53
CA GLN A 490 -27.80 -0.62 0.44
C GLN A 490 -28.81 -0.27 -0.63
N TYR A 491 -28.40 0.65 -1.50
CA TYR A 491 -29.21 1.12 -2.61
C TYR A 491 -28.29 1.59 -3.73
N THR A 492 -28.42 0.97 -4.89
CA THR A 492 -27.62 1.34 -6.05
C THR A 492 -28.53 1.67 -7.22
N THR A 493 -28.07 2.61 -8.04
CA THR A 493 -28.82 3.03 -9.22
C THR A 493 -27.83 3.63 -10.20
N ALA A 494 -28.23 3.70 -11.46
CA ALA A 494 -27.38 4.26 -12.50
C ALA A 494 -27.19 5.76 -12.27
N GLU A 495 -25.97 6.23 -12.52
CA GLU A 495 -25.63 7.63 -12.35
C GLU A 495 -25.81 8.34 -13.70
N THR A 496 -26.43 9.52 -13.68
CA THR A 496 -26.65 10.28 -14.91
C THR A 496 -25.55 11.30 -15.20
N THR A 497 -25.05 11.94 -14.15
CA THR A 497 -23.98 12.93 -14.30
C THR A 497 -22.62 12.32 -13.96
N PRO A 498 -21.56 12.79 -14.63
CA PRO A 498 -20.20 12.29 -14.40
C PRO A 498 -19.73 12.48 -12.96
N THR A 499 -19.15 11.43 -12.39
CA THR A 499 -18.66 11.46 -11.02
C THR A 499 -17.37 10.64 -10.93
N ILE A 500 -16.28 11.31 -10.54
CA ILE A 500 -14.99 10.64 -10.42
C ILE A 500 -14.87 9.94 -9.06
N GLY A 501 -14.57 8.64 -9.09
CA GLY A 501 -14.43 7.89 -7.87
C GLY A 501 -12.98 7.61 -7.51
N HIS A 502 -12.14 7.53 -8.53
CA HIS A 502 -10.74 7.24 -8.31
C HIS A 502 -9.89 7.58 -9.51
N VAL A 503 -8.64 7.97 -9.24
CA VAL A 503 -7.67 8.32 -10.28
C VAL A 503 -6.38 7.61 -9.90
N GLY A 504 -5.84 6.83 -10.82
CA GLY A 504 -4.61 6.12 -10.54
C GLY A 504 -3.71 5.96 -11.74
N PRO A 505 -2.41 6.25 -11.60
CA PRO A 505 -1.79 6.71 -10.35
C PRO A 505 -2.04 8.21 -10.19
N VAL A 506 -1.59 8.79 -9.09
CA VAL A 506 -1.80 10.21 -8.86
C VAL A 506 -0.52 11.02 -9.01
N MET A 507 0.41 10.50 -9.81
CA MET A 507 1.69 11.14 -10.06
C MET A 507 2.22 10.67 -11.41
N GLY A 508 2.84 11.58 -12.15
CA GLY A 508 3.40 11.24 -13.45
C GLY A 508 3.88 12.42 -14.27
N LYS A 509 4.67 12.13 -15.29
CA LYS A 509 5.20 13.14 -16.18
C LYS A 509 4.30 13.21 -17.42
N PRO A 510 4.39 14.30 -18.20
CA PRO A 510 3.56 14.41 -19.40
C PRO A 510 3.86 13.22 -20.32
N GLY A 511 2.81 12.62 -20.86
CA GLY A 511 3.00 11.47 -21.74
C GLY A 511 2.52 10.18 -21.12
N ASN A 512 2.52 10.13 -19.79
CA ASN A 512 2.06 8.94 -19.07
C ASN A 512 0.55 8.82 -19.19
N VAL A 513 0.06 7.59 -19.07
CA VAL A 513 -1.37 7.35 -19.14
C VAL A 513 -1.92 7.03 -17.76
N VAL A 514 -2.93 7.79 -17.34
CA VAL A 514 -3.56 7.59 -16.03
C VAL A 514 -4.98 7.08 -16.22
N THR A 515 -5.50 6.40 -15.22
CA THR A 515 -6.84 5.82 -15.27
C THR A 515 -7.82 6.53 -14.36
N ILE A 516 -8.96 6.91 -14.92
CA ILE A 516 -10.01 7.59 -14.17
C ILE A 516 -11.25 6.72 -14.07
N ASP A 517 -11.54 6.24 -12.87
CA ASP A 517 -12.70 5.39 -12.62
C ASP A 517 -13.81 6.18 -11.98
N GLY A 518 -15.05 5.83 -12.29
CA GLY A 518 -16.19 6.54 -11.73
C GLY A 518 -17.49 6.05 -12.32
N ARG A 519 -18.46 6.95 -12.42
CA ARG A 519 -19.77 6.61 -12.99
C ARG A 519 -20.35 7.77 -13.81
N GLY A 520 -21.25 7.45 -14.74
CA GLY A 520 -21.89 8.44 -15.57
C GLY A 520 -21.04 9.27 -16.51
N PHE A 521 -19.98 8.66 -17.04
CA PHE A 521 -19.11 9.38 -17.97
C PHE A 521 -19.72 9.34 -19.37
N GLY A 522 -20.66 8.42 -19.56
CA GLY A 522 -21.28 8.28 -20.87
C GLY A 522 -20.33 7.62 -21.84
N SER A 523 -20.84 7.16 -22.98
CA SER A 523 -20.01 6.49 -23.99
C SER A 523 -19.43 7.43 -25.03
N THR A 524 -19.83 8.70 -25.01
CA THR A 524 -19.35 9.70 -25.95
C THR A 524 -18.12 10.41 -25.41
N LYS A 525 -17.01 10.28 -26.13
CA LYS A 525 -15.74 10.90 -25.79
C LYS A 525 -15.94 12.38 -25.49
N GLY A 526 -15.61 12.77 -24.26
CA GLY A 526 -15.77 14.16 -23.86
C GLY A 526 -14.44 14.87 -23.69
N THR A 527 -14.31 15.61 -22.59
CA THR A 527 -13.09 16.35 -22.30
C THR A 527 -12.61 16.19 -20.85
N VAL A 528 -11.30 16.06 -20.69
CA VAL A 528 -10.67 15.89 -19.37
C VAL A 528 -9.88 17.13 -18.99
N TYR A 529 -10.05 17.60 -17.76
CA TYR A 529 -9.34 18.79 -17.30
C TYR A 529 -8.26 18.50 -16.25
N PHE A 530 -7.10 19.10 -16.45
CA PHE A 530 -6.00 19.02 -15.51
C PHE A 530 -5.82 20.47 -15.16
N GLY A 531 -6.58 20.93 -14.18
CA GLY A 531 -6.56 22.31 -13.79
C GLY A 531 -7.49 23.00 -14.78
N THR A 532 -6.93 23.86 -15.63
CA THR A 532 -7.72 24.56 -16.65
C THR A 532 -7.46 23.99 -18.03
N THR A 533 -6.37 23.24 -18.17
CA THR A 533 -6.00 22.64 -19.44
C THR A 533 -6.97 21.53 -19.83
N ALA A 534 -7.54 21.65 -21.02
CA ALA A 534 -8.48 20.65 -21.53
C ALA A 534 -7.71 19.64 -22.36
N VAL A 535 -8.05 18.37 -22.17
CA VAL A 535 -7.42 17.27 -22.90
C VAL A 535 -8.53 16.59 -23.70
N THR A 536 -8.38 16.57 -25.02
CA THR A 536 -9.39 15.96 -25.90
C THR A 536 -8.80 15.13 -27.03
N GLY A 537 -9.69 14.43 -27.74
CA GLY A 537 -9.31 13.63 -28.88
C GLY A 537 -8.39 12.45 -28.66
N ALA A 538 -7.36 12.37 -29.51
CA ALA A 538 -6.38 11.30 -29.47
C ALA A 538 -5.70 11.13 -28.12
N ALA A 539 -5.54 12.23 -27.39
CA ALA A 539 -4.92 12.23 -26.07
C ALA A 539 -5.67 11.32 -25.10
N ILE A 540 -7.00 11.26 -25.26
CA ILE A 540 -7.85 10.40 -24.45
C ILE A 540 -7.86 9.06 -25.16
N THR A 541 -6.99 8.16 -24.75
CA THR A 541 -6.87 6.84 -25.36
C THR A 541 -8.09 5.94 -25.22
N SER A 542 -8.91 6.18 -24.21
CA SER A 542 -10.10 5.36 -24.00
C SER A 542 -11.18 6.09 -23.19
N TRP A 543 -12.43 5.83 -23.52
CA TRP A 543 -13.55 6.48 -22.82
C TRP A 543 -14.79 5.60 -22.77
N GLU A 544 -15.20 5.26 -21.56
CA GLU A 544 -16.38 4.45 -21.30
C GLU A 544 -17.14 5.09 -20.15
N ASP A 545 -18.32 4.57 -19.86
CA ASP A 545 -19.17 5.12 -18.81
C ASP A 545 -18.56 5.02 -17.40
N THR A 546 -17.69 4.05 -17.19
CA THR A 546 -17.08 3.85 -15.88
C THR A 546 -15.57 4.04 -15.80
N GLN A 547 -14.91 4.24 -16.94
CA GLN A 547 -13.46 4.41 -16.93
C GLN A 547 -12.93 5.22 -18.11
N ILE A 548 -11.95 6.08 -17.84
CA ILE A 548 -11.33 6.91 -18.86
C ILE A 548 -9.81 6.84 -18.77
N LYS A 549 -9.16 6.36 -19.83
CA LYS A 549 -7.72 6.33 -19.87
C LYS A 549 -7.32 7.61 -20.60
N VAL A 550 -6.49 8.43 -19.99
CA VAL A 550 -6.09 9.69 -20.60
C VAL A 550 -4.59 9.96 -20.42
N THR A 551 -4.01 10.64 -21.41
CA THR A 551 -2.59 10.98 -21.41
C THR A 551 -2.37 12.32 -20.70
N ILE A 552 -1.35 12.38 -19.86
CA ILE A 552 -1.01 13.60 -19.12
C ILE A 552 -0.48 14.66 -20.08
N PRO A 553 -1.16 15.82 -20.18
CA PRO A 553 -0.76 16.93 -21.06
C PRO A 553 0.60 17.52 -20.70
N SER A 554 1.18 18.27 -21.64
CA SER A 554 2.48 18.89 -21.41
C SER A 554 2.33 20.25 -20.77
N VAL A 555 1.90 20.28 -19.51
CA VAL A 555 1.73 21.52 -18.77
C VAL A 555 2.86 21.68 -17.76
N ALA A 556 2.88 22.80 -17.07
CA ALA A 556 3.92 23.06 -16.06
C ALA A 556 3.78 22.06 -14.93
N ALA A 557 4.91 21.62 -14.38
CA ALA A 557 4.89 20.67 -13.27
C ALA A 557 4.24 21.32 -12.05
N GLY A 558 3.43 20.56 -11.33
CA GLY A 558 2.76 21.09 -10.16
C GLY A 558 1.62 20.23 -9.67
N ASN A 559 0.86 20.77 -8.72
CA ASN A 559 -0.28 20.07 -8.16
C ASN A 559 -1.52 20.49 -8.91
N TYR A 560 -2.30 19.52 -9.35
CA TYR A 560 -3.50 19.80 -10.13
C TYR A 560 -4.71 19.03 -9.67
N ALA A 561 -5.88 19.55 -10.02
CA ALA A 561 -7.14 18.90 -9.71
C ALA A 561 -7.60 18.34 -11.05
N VAL A 562 -8.29 17.19 -11.02
CA VAL A 562 -8.76 16.56 -12.24
C VAL A 562 -10.28 16.54 -12.30
N LYS A 563 -10.84 17.03 -13.41
CA LYS A 563 -12.29 17.06 -13.62
C LYS A 563 -12.60 16.43 -14.96
N VAL A 564 -13.82 15.94 -15.10
CA VAL A 564 -14.26 15.33 -16.35
C VAL A 564 -15.53 16.04 -16.77
N ALA A 565 -15.61 16.40 -18.05
CA ALA A 565 -16.79 17.07 -18.58
C ALA A 565 -17.41 16.19 -19.64
N ALA A 566 -18.63 15.71 -19.38
CA ALA A 566 -19.34 14.85 -20.32
C ALA A 566 -20.67 15.48 -20.69
N SER A 567 -20.81 15.86 -21.96
CA SER A 567 -22.03 16.48 -22.47
C SER A 567 -22.26 17.82 -21.77
N GLY A 568 -21.22 18.62 -21.69
CA GLY A 568 -21.32 19.92 -21.06
C GLY A 568 -21.48 19.93 -19.54
N VAL A 569 -21.55 18.75 -18.94
CA VAL A 569 -21.71 18.66 -17.48
C VAL A 569 -20.36 18.38 -16.81
N ASN A 570 -20.01 19.20 -15.82
CA ASN A 570 -18.77 19.05 -15.09
C ASN A 570 -18.89 18.15 -13.86
N SER A 571 -17.97 17.20 -13.73
CA SER A 571 -17.97 16.28 -12.60
C SER A 571 -17.30 16.94 -11.41
N ASN A 572 -17.17 16.18 -10.33
CA ASN A 572 -16.51 16.67 -9.12
C ASN A 572 -15.01 16.70 -9.42
N ALA A 573 -14.26 17.44 -8.62
CA ALA A 573 -12.82 17.52 -8.81
C ALA A 573 -12.03 16.55 -7.94
N TYR A 574 -11.17 15.75 -8.56
CA TYR A 574 -10.34 14.83 -7.82
C TYR A 574 -9.06 15.62 -7.58
N ASN A 575 -8.87 16.03 -6.33
CA ASN A 575 -7.72 16.85 -5.97
C ASN A 575 -6.37 16.16 -5.81
N ASN A 576 -5.34 16.98 -5.69
CA ASN A 576 -3.97 16.55 -5.48
C ASN A 576 -3.34 15.57 -6.47
N PHE A 577 -3.38 15.91 -7.74
CA PHE A 577 -2.75 15.08 -8.75
C PHE A 577 -1.41 15.76 -9.03
N THR A 578 -0.31 15.01 -8.93
CA THR A 578 1.00 15.59 -9.15
C THR A 578 1.56 15.35 -10.54
N ILE A 579 1.92 16.44 -11.21
CA ILE A 579 2.51 16.36 -12.54
C ILE A 579 3.98 16.72 -12.40
N LEU A 580 4.86 15.82 -12.83
CA LEU A 580 6.30 16.04 -12.74
C LEU A 580 6.84 16.77 -13.97
N THR A 581 8.05 17.28 -13.85
CA THR A 581 8.70 18.02 -14.94
C THR A 581 9.11 17.09 -16.08
N GLY A 582 9.43 15.84 -15.75
CA GLY A 582 9.84 14.87 -16.75
C GLY A 582 10.39 13.65 -16.03
N ASP A 583 11.34 12.96 -16.64
CA ASP A 583 11.92 11.78 -16.00
C ASP A 583 12.67 12.19 -14.74
N GLN A 584 12.68 11.31 -13.76
CA GLN A 584 13.32 11.60 -12.48
C GLN A 584 14.64 10.88 -12.25
N VAL A 585 15.48 11.49 -11.44
CA VAL A 585 16.76 10.92 -11.02
C VAL A 585 16.90 11.31 -9.55
N THR A 586 17.62 10.52 -8.78
CA THR A 586 17.79 10.84 -7.37
C THR A 586 19.13 11.52 -7.17
N VAL A 587 19.08 12.73 -6.61
CA VAL A 587 20.28 13.49 -6.35
C VAL A 587 20.40 13.74 -4.85
N ARG A 588 21.62 13.57 -4.33
CA ARG A 588 21.90 13.81 -2.92
C ARG A 588 22.49 15.20 -2.81
N PHE A 589 21.79 16.08 -2.10
CA PHE A 589 22.27 17.43 -1.90
C PHE A 589 23.01 17.50 -0.57
N VAL A 590 24.26 17.94 -0.62
CA VAL A 590 25.08 18.07 0.57
C VAL A 590 25.48 19.53 0.74
N VAL A 591 25.32 20.07 1.94
CA VAL A 591 25.70 21.44 2.23
C VAL A 591 26.59 21.50 3.47
N ASN A 592 27.73 22.16 3.33
CA ASN A 592 28.69 22.29 4.42
C ASN A 592 28.56 23.59 5.19
N ASN A 593 29.02 23.56 6.43
CA ASN A 593 29.02 24.73 7.32
C ASN A 593 27.69 25.39 7.57
N ALA A 594 26.64 24.59 7.70
CA ALA A 594 25.32 25.14 7.97
C ALA A 594 25.02 24.96 9.46
N SER A 595 25.67 25.77 10.28
CA SER A 595 25.44 25.72 11.72
C SER A 595 24.09 26.33 12.02
N THR A 596 23.36 25.75 12.96
CA THR A 596 22.04 26.23 13.29
C THR A 596 21.87 26.53 14.77
N THR A 597 20.67 26.99 15.11
CA THR A 597 20.27 27.33 16.46
C THR A 597 19.41 26.18 16.99
N LEU A 598 19.24 26.12 18.31
CA LEU A 598 18.43 25.07 18.92
C LEU A 598 17.02 25.06 18.34
N GLY A 599 16.59 23.89 17.84
CA GLY A 599 15.27 23.74 17.27
C GLY A 599 15.10 24.28 15.86
N GLN A 600 16.20 24.74 15.28
CA GLN A 600 16.18 25.30 13.93
C GLN A 600 16.61 24.22 12.94
N ASN A 601 15.82 24.01 11.90
CA ASN A 601 16.12 22.99 10.88
C ASN A 601 16.51 23.57 9.53
N LEU A 602 17.18 22.77 8.71
CA LEU A 602 17.61 23.18 7.39
C LEU A 602 16.74 22.58 6.31
N TYR A 603 16.28 23.42 5.38
CA TYR A 603 15.43 22.97 4.28
C TYR A 603 16.04 23.34 2.93
N LEU A 604 15.45 22.82 1.86
CA LEU A 604 15.94 23.05 0.50
C LEU A 604 14.80 23.36 -0.47
N THR A 605 15.04 24.31 -1.37
CA THR A 605 14.05 24.66 -2.38
C THR A 605 14.75 25.18 -3.64
N GLY A 606 14.02 25.17 -4.76
CA GLY A 606 14.62 25.61 -6.01
C GLY A 606 13.65 25.92 -7.13
N ASN A 607 14.17 26.06 -8.35
CA ASN A 607 13.33 26.43 -9.50
C ASN A 607 12.46 25.41 -10.22
N VAL A 608 12.28 24.23 -9.63
CA VAL A 608 11.41 23.22 -10.25
C VAL A 608 10.37 22.78 -9.23
N ALA A 609 9.23 22.31 -9.70
CA ALA A 609 8.17 21.86 -8.81
C ALA A 609 8.68 20.81 -7.82
N GLU A 610 9.55 19.91 -8.27
CA GLU A 610 10.10 18.86 -7.41
C GLU A 610 10.87 19.41 -6.22
N LEU A 611 11.31 20.66 -6.32
CA LEU A 611 12.04 21.32 -5.24
C LEU A 611 11.13 22.33 -4.52
N GLY A 612 9.88 22.43 -4.98
CA GLY A 612 8.93 23.34 -4.36
C GLY A 612 8.70 24.68 -5.05
N ASN A 613 9.40 24.94 -6.16
CA ASN A 613 9.25 26.21 -6.88
C ASN A 613 9.43 27.42 -5.96
N TRP A 614 10.58 27.49 -5.29
CA TRP A 614 10.95 28.57 -4.39
C TRP A 614 10.06 28.76 -3.17
N SER A 615 9.31 27.73 -2.82
CA SER A 615 8.42 27.79 -1.66
C SER A 615 9.18 27.49 -0.39
N THR A 616 8.65 27.92 0.75
CA THR A 616 9.25 27.67 2.06
C THR A 616 8.23 26.92 2.94
N GLY A 617 7.15 26.46 2.30
CA GLY A 617 6.11 25.75 3.03
C GLY A 617 6.25 24.24 3.00
N SER A 618 5.12 23.56 2.91
CA SER A 618 5.10 22.10 2.90
C SER A 618 5.63 21.47 1.62
N THR A 619 5.90 22.29 0.60
CA THR A 619 6.42 21.77 -0.66
C THR A 619 7.95 21.85 -0.73
N ALA A 620 8.54 22.52 0.26
CA ALA A 620 9.99 22.62 0.32
C ALA A 620 10.52 21.25 0.75
N ILE A 621 11.79 20.99 0.45
CA ILE A 621 12.41 19.72 0.79
C ILE A 621 13.08 19.76 2.17
N GLY A 622 12.71 18.82 3.04
CA GLY A 622 13.29 18.78 4.35
C GLY A 622 12.36 18.33 5.45
N PRO A 623 12.80 18.38 6.73
CA PRO A 623 14.13 18.84 7.11
C PRO A 623 15.25 17.89 6.71
N ALA A 624 16.41 18.45 6.38
CA ALA A 624 17.56 17.66 5.97
C ALA A 624 18.11 16.84 7.12
N PHE A 625 18.92 15.84 6.76
CA PHE A 625 19.54 14.94 7.72
C PHE A 625 20.93 15.44 8.08
N ASN A 626 21.45 15.01 9.23
CA ASN A 626 22.78 15.46 9.67
C ASN A 626 23.50 14.54 10.67
N GLN A 627 23.25 13.25 10.61
CA GLN A 627 23.89 12.31 11.55
C GLN A 627 24.69 11.17 10.96
N VAL A 628 24.05 10.36 10.12
CA VAL A 628 24.68 9.17 9.53
C VAL A 628 25.67 9.32 8.37
N ILE A 629 25.18 9.64 7.17
CA ILE A 629 26.06 9.78 6.01
C ILE A 629 27.04 10.95 6.15
N HIS A 630 26.52 12.07 6.64
CA HIS A 630 27.32 13.28 6.85
C HIS A 630 26.89 13.81 8.21
N GLN A 631 27.83 14.39 8.95
CA GLN A 631 27.54 14.91 10.29
C GLN A 631 27.47 16.43 10.38
N TYR A 632 26.67 16.91 11.33
CA TYR A 632 26.51 18.33 11.58
C TYR A 632 27.92 18.90 11.85
N PRO A 633 28.20 20.14 11.37
CA PRO A 633 27.38 21.07 10.60
C PRO A 633 27.13 20.80 9.11
N THR A 634 27.39 19.58 8.65
CA THR A 634 27.12 19.24 7.26
C THR A 634 25.75 18.55 7.23
N TRP A 635 24.91 18.93 6.27
CA TRP A 635 23.57 18.35 6.13
C TRP A 635 23.45 17.71 4.77
N TYR A 636 22.45 16.84 4.61
CA TYR A 636 22.24 16.17 3.33
C TYR A 636 20.81 15.64 3.19
N TYR A 637 20.40 15.39 1.95
CA TYR A 637 19.07 14.86 1.68
C TYR A 637 19.00 14.34 0.25
N ASP A 638 18.33 13.21 0.09
CA ASP A 638 18.16 12.56 -1.21
C ASP A 638 16.83 13.01 -1.80
N VAL A 639 16.90 13.66 -2.94
CA VAL A 639 15.72 14.21 -3.59
C VAL A 639 15.49 13.70 -5.01
N SER A 640 14.23 13.39 -5.34
CA SER A 640 13.87 12.95 -6.68
C SER A 640 13.73 14.26 -7.45
N VAL A 641 14.52 14.40 -8.50
CA VAL A 641 14.53 15.63 -9.25
C VAL A 641 14.56 15.32 -10.75
N PRO A 642 14.09 16.25 -11.62
CA PRO A 642 14.08 15.99 -13.07
C PRO A 642 15.44 15.73 -13.72
N ALA A 643 15.44 14.77 -14.63
CA ALA A 643 16.64 14.35 -15.35
C ALA A 643 17.08 15.32 -16.45
N GLY A 644 18.39 15.52 -16.54
CA GLY A 644 18.96 16.40 -17.55
C GLY A 644 18.47 17.84 -17.50
N LYS A 645 18.36 18.40 -16.30
CA LYS A 645 17.90 19.77 -16.17
C LYS A 645 18.83 20.61 -15.34
N GLN A 646 18.95 21.88 -15.74
CA GLN A 646 19.77 22.83 -15.01
C GLN A 646 18.89 23.33 -13.91
N LEU A 647 19.32 23.11 -12.68
CA LEU A 647 18.55 23.53 -11.51
C LEU A 647 19.22 24.66 -10.75
N GLU A 648 18.39 25.49 -10.14
CA GLU A 648 18.83 26.60 -9.31
C GLU A 648 18.20 26.32 -7.95
N PHE A 649 19.00 26.41 -6.89
CA PHE A 649 18.47 26.13 -5.57
C PHE A 649 19.20 26.86 -4.47
N LYS A 650 18.59 26.84 -3.29
CA LYS A 650 19.15 27.47 -2.11
C LYS A 650 18.60 26.77 -0.88
N PHE A 651 19.39 26.79 0.18
CA PHE A 651 18.99 26.21 1.45
C PHE A 651 18.48 27.35 2.32
N PHE A 652 17.68 27.02 3.32
CA PHE A 652 17.18 28.02 4.25
C PHE A 652 16.94 27.39 5.62
N LYS A 653 17.16 28.18 6.66
CA LYS A 653 16.95 27.74 8.03
C LYS A 653 15.58 28.20 8.49
N LYS A 654 14.86 27.31 9.18
CA LYS A 654 13.53 27.63 9.67
C LYS A 654 13.35 27.06 11.07
N ASN A 655 13.09 27.94 12.02
CA ASN A 655 12.85 27.56 13.42
C ASN A 655 11.36 27.69 13.67
N GLY A 656 10.90 28.89 14.01
CA GLY A 656 9.50 29.12 14.23
C GLY A 656 8.91 29.55 12.89
N SER A 657 8.54 30.82 12.81
CA SER A 657 8.00 31.36 11.56
C SER A 657 9.07 32.22 10.87
N THR A 658 10.24 32.30 11.50
CA THR A 658 11.36 33.07 10.98
C THR A 658 12.21 32.26 9.99
N ILE A 659 12.32 32.78 8.78
CA ILE A 659 13.06 32.14 7.72
C ILE A 659 14.31 32.90 7.32
N THR A 660 15.45 32.23 7.37
CA THR A 660 16.71 32.84 7.00
C THR A 660 17.37 32.06 5.85
N TRP A 661 17.41 32.70 4.69
CA TRP A 661 17.97 32.13 3.46
C TRP A 661 19.48 32.27 3.36
N GLU A 662 20.05 31.60 2.37
CA GLU A 662 21.48 31.67 2.07
C GLU A 662 21.64 33.01 1.37
N SER A 663 22.79 33.65 1.54
CA SER A 663 23.05 34.92 0.86
C SER A 663 23.66 34.62 -0.51
N GLY A 664 24.07 35.67 -1.22
CA GLY A 664 24.68 35.50 -2.53
C GLY A 664 23.75 34.99 -3.61
N SER A 665 24.34 34.45 -4.68
CA SER A 665 23.57 33.90 -5.80
C SER A 665 23.11 32.47 -5.53
N ASN A 666 22.13 32.02 -6.31
CA ASN A 666 21.62 30.67 -6.18
C ASN A 666 22.69 29.69 -6.64
N HIS A 667 22.66 28.48 -6.09
CA HIS A 667 23.59 27.44 -6.48
C HIS A 667 22.98 26.85 -7.76
N THR A 668 23.82 26.31 -8.64
CA THR A 668 23.31 25.70 -9.85
C THR A 668 23.92 24.32 -10.04
N PHE A 669 23.15 23.45 -10.70
CA PHE A 669 23.57 22.10 -10.95
C PHE A 669 22.74 21.53 -12.08
N THR A 670 23.39 20.87 -13.02
CA THR A 670 22.70 20.24 -14.13
C THR A 670 22.64 18.76 -13.78
N THR A 671 21.42 18.24 -13.65
CA THR A 671 21.23 16.84 -13.29
C THR A 671 21.58 15.88 -14.42
N PRO A 672 21.94 14.64 -14.09
CA PRO A 672 22.30 13.64 -15.10
C PRO A 672 21.09 13.15 -15.89
N ALA A 673 21.33 12.58 -17.06
CA ALA A 673 20.26 12.07 -17.91
C ALA A 673 19.56 10.88 -17.25
N SER A 674 20.29 10.17 -16.40
CA SER A 674 19.74 9.01 -15.70
C SER A 674 20.59 8.63 -14.49
N GLY A 675 20.03 7.78 -13.63
CA GLY A 675 20.74 7.32 -12.47
C GLY A 675 20.70 8.17 -11.22
N THR A 676 21.88 8.38 -10.63
CA THR A 676 22.02 9.16 -9.41
C THR A 676 23.23 10.09 -9.47
N ALA A 677 23.28 11.03 -8.53
CA ALA A 677 24.38 11.99 -8.45
C ALA A 677 24.44 12.62 -7.07
N THR A 678 25.56 13.28 -6.79
CA THR A 678 25.77 13.96 -5.51
C THR A 678 26.32 15.34 -5.82
N VAL A 679 25.69 16.37 -5.27
CA VAL A 679 26.13 17.74 -5.45
C VAL A 679 26.41 18.33 -4.07
N THR A 680 27.64 18.82 -3.89
CA THR A 680 28.05 19.40 -2.62
C THR A 680 28.30 20.90 -2.72
N VAL A 681 27.75 21.68 -1.79
CA VAL A 681 27.94 23.12 -1.78
C VAL A 681 28.22 23.60 -0.37
N ASN A 682 28.63 24.87 -0.26
CA ASN A 682 28.91 25.47 1.04
C ASN A 682 27.83 26.49 1.33
N TRP A 683 27.42 26.57 2.59
CA TRP A 683 26.40 27.52 2.99
C TRP A 683 26.93 28.93 2.74
N GLN A 684 26.15 29.75 2.05
CA GLN A 684 26.53 31.12 1.75
C GLN A 684 25.90 32.08 2.75
#